data_7CBH
#
_entry.id   7CBH
#
_cell.length_a   85.183
_cell.length_b   101.267
_cell.length_c   103.427
_cell.angle_alpha   90.00
_cell.angle_beta   90.00
_cell.angle_gamma   90.00
#
_symmetry.space_group_name_H-M   'P 21 21 21'
#
loop_
_entity.id
_entity.type
_entity.pdbx_description
1 polymer 'Threonine--tRNA ligase'
2 non-polymer '[(E)-4-(7-bromanyl-6-chloranyl-4-oxidanylidene-quinazolin-3-yl)but-2-enyl] (2S,3R)-2-azanyl-3-oxidanyl-butanoate'
3 non-polymer 'ZINC ION'
4 water water
#
_entity_poly.entity_id   1
_entity_poly.type   'polypeptide(L)'
_entity_poly.pdbx_seq_one_letter_code
;MGRDHRKIGKQLDLYHMQEEAPGMVFWHNDGWTIFRELEVFVRSKLKEYQYQEVKGPFMMDRVLWEKTGHWDNYKDAMFT
TSSENREYCIKPMNCPGHVQIFNQGLKSYRDLPLRMAEFGSCHRNEPSGALHGLMRVRGFTQDDAHIFCTEEQIRDEVNA
CIRMVYDMYSTFGFEKIVVKLSTRPDKRIGSDEMWDRAEADLAVALEENNIPFEYQLGEGAFYGPKIEFTLYDCLDRAWQ
CGTVQLDFSLPSRLSASYVGEDNERKVPVMIHRAILGSMERFIGILTEEFAGFFPTWLAPVQVVVMNITDSQSEYVNELT
QKLQNAGIRVKADLRNEKIGFKIREHTLRRVPYMLVCGDKEVEAGKVAVRTRRGKDLGSLDVNDVIEKLQQEIRSRSLQQ
LEELEHHHHHH
;
_entity_poly.pdbx_strand_id   A,B
#
loop_
_chem_comp.id
_chem_comp.type
_chem_comp.name
_chem_comp.formula
FQR non-polymer '[(E)-4-(7-bromanyl-6-chloranyl-4-oxidanylidene-quinazolin-3-yl)but-2-enyl] (2S,3R)-2-azanyl-3-oxidanyl-butanoate' 'C16 H17 Br Cl N3 O4'
ZN non-polymer 'ZINC ION' 'Zn 2'
#
# COMPACT_ATOMS: atom_id res chain seq x y z
N GLY A 2 -11.59 -19.89 21.83
CA GLY A 2 -11.75 -18.47 21.40
C GLY A 2 -10.53 -17.71 20.86
N ARG A 3 -9.41 -18.41 20.63
CA ARG A 3 -8.17 -17.76 20.17
C ARG A 3 -7.56 -18.47 18.95
N ASP A 4 -8.40 -18.99 18.07
CA ASP A 4 -7.95 -19.64 16.85
C ASP A 4 -8.14 -18.58 15.77
N HIS A 5 -7.04 -18.11 15.18
CA HIS A 5 -7.13 -17.05 14.16
C HIS A 5 -7.89 -17.48 12.90
N ARG A 6 -7.88 -18.78 12.60
CA ARG A 6 -8.62 -19.32 11.45
C ARG A 6 -10.13 -19.28 11.60
N LYS A 7 -10.61 -19.59 12.80
CA LYS A 7 -12.05 -19.51 13.11
C LYS A 7 -12.48 -18.04 13.21
N ILE A 8 -11.69 -17.25 13.95
CA ILE A 8 -11.97 -15.81 14.11
C ILE A 8 -11.94 -15.10 12.74
N GLY A 9 -10.98 -15.46 11.89
CA GLY A 9 -10.85 -14.88 10.55
C GLY A 9 -12.06 -15.13 9.67
N LYS A 10 -12.66 -16.30 9.82
CA LYS A 10 -13.91 -16.59 9.14
C LYS A 10 -15.07 -15.84 9.77
N GLN A 11 -15.15 -15.89 11.10
CA GLN A 11 -16.24 -15.26 11.86
C GLN A 11 -16.34 -13.76 11.61
N LEU A 12 -15.20 -13.08 11.57
CA LEU A 12 -15.15 -11.65 11.31
C LEU A 12 -14.92 -11.26 9.83
N ASP A 13 -14.95 -12.23 8.92
CA ASP A 13 -14.90 -11.98 7.48
C ASP A 13 -13.60 -11.27 7.08
N LEU A 14 -12.49 -11.73 7.65
CA LEU A 14 -11.20 -11.06 7.48
C LEU A 14 -10.46 -11.56 6.24
N TYR A 15 -10.47 -12.86 6.01
CA TYR A 15 -9.76 -13.47 4.88
C TYR A 15 -10.30 -14.87 4.60
N HIS A 16 -9.86 -15.46 3.49
CA HIS A 16 -9.97 -16.91 3.31
C HIS A 16 -8.82 -17.42 2.48
N MET A 17 -8.69 -18.75 2.46
CA MET A 17 -7.71 -19.47 1.69
C MET A 17 -8.43 -20.47 0.79
N GLN A 18 -7.81 -20.81 -0.33
CA GLN A 18 -8.30 -21.87 -1.22
C GLN A 18 -7.17 -22.71 -1.77
N GLU A 19 -7.50 -23.95 -2.14
CA GLU A 19 -6.52 -24.90 -2.71
C GLU A 19 -6.03 -24.46 -4.11
N GLU A 20 -6.79 -23.60 -4.77
CA GLU A 20 -6.35 -22.97 -6.02
C GLU A 20 -5.09 -22.09 -5.87
N ALA A 21 -4.81 -21.60 -4.66
CA ALA A 21 -3.66 -20.75 -4.39
C ALA A 21 -3.10 -21.10 -3.00
N PRO A 22 -2.44 -22.25 -2.89
CA PRO A 22 -1.99 -22.69 -1.57
C PRO A 22 -1.10 -21.65 -0.88
N GLY A 23 -1.45 -21.31 0.36
CA GLY A 23 -0.67 -20.40 1.18
C GLY A 23 -0.61 -18.97 0.68
N MET A 24 -1.59 -18.56 -0.11
CA MET A 24 -1.70 -17.18 -0.56
C MET A 24 -3.07 -16.66 -0.14
N VAL A 25 -3.05 -15.58 0.61
CA VAL A 25 -4.22 -15.11 1.32
C VAL A 25 -5.13 -14.29 0.39
N PHE A 26 -6.44 -14.57 0.48
CA PHE A 26 -7.46 -13.69 -0.10
C PHE A 26 -7.90 -12.77 1.03
N TRP A 27 -7.45 -11.52 1.01
CA TRP A 27 -7.81 -10.55 2.05
C TRP A 27 -9.17 -9.94 1.72
N HIS A 28 -10.14 -10.14 2.61
CA HIS A 28 -11.45 -9.51 2.45
C HIS A 28 -11.32 -8.07 2.90
N ASN A 29 -12.37 -7.27 2.65
CA ASN A 29 -12.35 -5.86 2.99
C ASN A 29 -11.87 -5.61 4.41
N ASP A 30 -12.46 -6.27 5.39
CA ASP A 30 -12.15 -5.96 6.79
C ASP A 30 -10.75 -6.40 7.23
N GLY A 31 -10.31 -7.53 6.72
CA GLY A 31 -8.95 -8.00 6.94
C GLY A 31 -7.90 -7.11 6.28
N TRP A 32 -8.19 -6.70 5.05
CA TRP A 32 -7.33 -5.75 4.34
C TRP A 32 -7.25 -4.39 5.07
N THR A 33 -8.33 -3.98 5.73
CA THR A 33 -8.31 -2.78 6.56
C THR A 33 -7.31 -2.87 7.69
N ILE A 34 -7.30 -4.02 8.37
CA ILE A 34 -6.31 -4.30 9.45
C ILE A 34 -4.88 -4.22 8.91
N PHE A 35 -4.64 -4.92 7.80
CA PHE A 35 -3.34 -4.92 7.12
C PHE A 35 -2.87 -3.49 6.81
N ARG A 36 -3.77 -2.69 6.22
CA ARG A 36 -3.44 -1.33 5.80
C ARG A 36 -3.16 -0.44 6.98
N GLU A 37 -3.92 -0.63 8.06
CA GLU A 37 -3.71 0.13 9.28
C GLU A 37 -2.35 -0.27 9.93
N LEU A 38 -2.00 -1.54 9.87
CA LEU A 38 -0.68 -1.99 10.34
C LEU A 38 0.45 -1.37 9.51
N GLU A 39 0.22 -1.27 8.20
CA GLU A 39 1.15 -0.63 7.29
C GLU A 39 1.31 0.86 7.62
N VAL A 40 0.21 1.55 7.93
CA VAL A 40 0.26 2.95 8.35
C VAL A 40 1.09 3.11 9.61
N PHE A 41 0.88 2.22 10.60
CA PHE A 41 1.66 2.23 11.83
C PHE A 41 3.17 2.07 11.57
N VAL A 42 3.54 1.08 10.80
CA VAL A 42 4.96 0.84 10.48
C VAL A 42 5.56 2.06 9.76
N ARG A 43 4.80 2.65 8.83
CA ARG A 43 5.26 3.86 8.13
C ARG A 43 5.51 5.03 9.05
N SER A 44 4.67 5.20 10.07
CA SER A 44 4.93 6.21 11.09
C SER A 44 6.28 6.00 11.79
N LYS A 45 6.65 4.73 12.04
CA LYS A 45 7.93 4.44 12.65
C LYS A 45 9.07 4.62 11.66
N LEU A 46 8.86 4.30 10.39
CA LEU A 46 9.84 4.53 9.36
C LEU A 46 10.21 6.02 9.28
N LYS A 47 9.22 6.89 9.42
CA LYS A 47 9.45 8.33 9.42
C LYS A 47 10.24 8.75 10.68
N GLU A 48 9.81 8.25 11.83
CA GLU A 48 10.43 8.56 13.10
C GLU A 48 11.88 8.09 13.20
N TYR A 49 12.17 6.92 12.62
CA TYR A 49 13.53 6.35 12.65
C TYR A 49 14.34 6.67 11.38
N GLN A 50 13.81 7.55 10.52
CA GLN A 50 14.50 8.07 9.34
C GLN A 50 14.89 7.01 8.29
N TYR A 51 13.89 6.25 7.86
CA TYR A 51 14.04 5.31 6.75
C TYR A 51 13.46 5.87 5.46
N GLN A 52 14.09 5.55 4.35
CA GLN A 52 13.46 5.67 3.05
C GLN A 52 12.49 4.49 2.88
N GLU A 53 11.53 4.63 1.96
CA GLU A 53 10.65 3.54 1.61
C GLU A 53 10.64 3.42 0.09
N VAL A 54 10.92 2.21 -0.38
CA VAL A 54 11.05 1.91 -1.79
C VAL A 54 10.14 0.74 -2.15
N LYS A 55 10.14 0.38 -3.42
CA LYS A 55 9.35 -0.75 -3.89
C LYS A 55 10.06 -1.37 -5.06
N GLY A 56 10.32 -2.67 -4.95
CA GLY A 56 11.07 -3.41 -5.94
C GLY A 56 10.13 -4.29 -6.74
N PRO A 57 10.60 -4.81 -7.88
CA PRO A 57 9.75 -5.67 -8.67
C PRO A 57 9.64 -7.08 -8.11
N PHE A 58 8.66 -7.81 -8.60
CA PHE A 58 8.40 -9.17 -8.14
C PHE A 58 9.36 -10.20 -8.67
N MET A 59 9.97 -9.94 -9.82
CA MET A 59 10.92 -10.90 -10.38
C MET A 59 12.17 -10.28 -10.95
N MET A 60 13.23 -11.09 -10.98
CA MET A 60 14.56 -10.67 -11.36
C MET A 60 15.27 -11.90 -11.90
N ASP A 61 16.13 -11.69 -12.88
CA ASP A 61 16.86 -12.77 -13.55
C ASP A 61 17.53 -13.70 -12.54
N ARG A 62 17.32 -15.01 -12.71
CA ARG A 62 18.05 -16.02 -11.94
C ARG A 62 19.55 -15.76 -11.93
N VAL A 63 20.08 -15.29 -13.05
CA VAL A 63 21.53 -14.95 -13.18
C VAL A 63 21.99 -14.05 -12.03
N LEU A 64 21.17 -13.06 -11.70
CA LEU A 64 21.46 -12.18 -10.57
C LEU A 64 21.34 -12.92 -9.25
N TRP A 65 20.32 -13.74 -9.09
CA TRP A 65 20.16 -14.54 -7.86
C TRP A 65 21.32 -15.52 -7.61
N GLU A 66 21.89 -16.04 -8.70
CA GLU A 66 23.05 -16.94 -8.61
C GLU A 66 24.27 -16.24 -8.00
N LYS A 67 24.42 -14.94 -8.23
CA LYS A 67 25.51 -14.15 -7.65
C LYS A 67 25.41 -13.91 -6.14
N THR A 68 24.23 -14.10 -5.54
CA THR A 68 24.04 -13.73 -4.15
C THR A 68 24.65 -14.69 -3.13
N GLY A 69 24.91 -15.94 -3.53
CA GLY A 69 25.35 -16.97 -2.59
C GLY A 69 24.23 -17.73 -1.86
N HIS A 70 22.97 -17.40 -2.17
CA HIS A 70 21.79 -18.10 -1.63
C HIS A 70 21.26 -19.19 -2.55
N TRP A 71 21.57 -19.09 -3.85
CA TRP A 71 20.95 -19.94 -4.88
C TRP A 71 21.07 -21.44 -4.60
N ASP A 72 22.27 -21.86 -4.19
CA ASP A 72 22.55 -23.27 -3.91
C ASP A 72 21.71 -23.80 -2.74
N ASN A 73 21.69 -23.05 -1.64
CA ASN A 73 20.94 -23.43 -0.44
C ASN A 73 19.42 -23.35 -0.60
N TYR A 74 18.93 -22.50 -1.50
CA TYR A 74 17.51 -22.17 -1.53
C TYR A 74 16.76 -22.36 -2.87
N LYS A 75 17.43 -22.85 -3.91
CA LYS A 75 16.78 -23.06 -5.22
C LYS A 75 15.43 -23.81 -5.16
N ASP A 76 15.35 -24.86 -4.32
CA ASP A 76 14.14 -25.68 -4.23
C ASP A 76 12.95 -25.00 -3.55
N ALA A 77 13.21 -23.89 -2.85
CA ALA A 77 12.13 -23.11 -2.23
C ALA A 77 11.75 -21.85 -3.04
N MET A 78 12.37 -21.67 -4.21
CA MET A 78 12.08 -20.51 -5.06
C MET A 78 11.15 -20.88 -6.20
N PHE A 79 10.11 -20.08 -6.43
CA PHE A 79 9.36 -20.12 -7.68
C PHE A 79 10.16 -19.49 -8.81
N THR A 80 10.11 -20.15 -9.97
CA THR A 80 10.78 -19.69 -11.17
C THR A 80 9.80 -19.58 -12.34
N THR A 81 10.07 -18.66 -13.26
CA THR A 81 9.26 -18.50 -14.46
C THR A 81 10.15 -18.00 -15.59
N SER A 82 9.84 -18.40 -16.82
CA SER A 82 10.66 -18.08 -17.98
C SER A 82 9.97 -17.17 -18.98
N SER A 83 10.80 -16.39 -19.68
CA SER A 83 10.39 -15.59 -20.82
C SER A 83 11.57 -15.41 -21.75
N GLU A 84 11.37 -15.69 -23.05
CA GLU A 84 12.38 -15.43 -24.08
C GLU A 84 13.77 -15.96 -23.72
N ASN A 85 13.81 -17.22 -23.29
CA ASN A 85 15.04 -17.95 -22.99
C ASN A 85 15.75 -17.53 -21.72
N ARG A 86 15.11 -16.70 -20.91
CA ARG A 86 15.67 -16.26 -19.65
C ARG A 86 14.78 -16.77 -18.53
N GLU A 87 15.39 -17.16 -17.42
CA GLU A 87 14.68 -17.63 -16.25
C GLU A 87 14.71 -16.56 -15.15
N TYR A 88 13.54 -16.27 -14.58
CA TYR A 88 13.40 -15.28 -13.51
C TYR A 88 12.97 -15.97 -12.22
N CYS A 89 13.45 -15.48 -11.10
CA CYS A 89 12.98 -15.93 -9.79
C CYS A 89 11.92 -14.95 -9.29
N ILE A 90 10.84 -15.48 -8.74
CA ILE A 90 9.88 -14.68 -8.00
C ILE A 90 10.57 -14.39 -6.69
N LYS A 91 10.67 -13.12 -6.29
CA LYS A 91 11.55 -12.79 -5.17
C LYS A 91 11.11 -13.45 -3.84
N PRO A 92 12.03 -14.18 -3.17
CA PRO A 92 11.81 -14.67 -1.81
C PRO A 92 12.28 -13.71 -0.71
N MET A 93 13.03 -12.68 -1.10
CA MET A 93 13.56 -11.70 -0.15
C MET A 93 13.88 -10.42 -0.92
N ASN A 94 14.02 -9.32 -0.18
CA ASN A 94 14.12 -8.00 -0.80
C ASN A 94 15.53 -7.45 -0.88
N CYS A 95 16.51 -8.16 -0.31
CA CYS A 95 17.84 -7.59 -0.14
C CYS A 95 18.52 -7.28 -1.48
N PRO A 96 18.49 -8.23 -2.43
CA PRO A 96 19.18 -7.95 -3.70
C PRO A 96 18.59 -6.79 -4.46
N GLY A 97 17.27 -6.65 -4.43
CA GLY A 97 16.59 -5.49 -4.99
C GLY A 97 17.05 -4.17 -4.38
N HIS A 98 17.18 -4.14 -3.06
CA HIS A 98 17.62 -2.95 -2.36
C HIS A 98 19.04 -2.55 -2.76
N VAL A 99 19.90 -3.55 -2.92
CA VAL A 99 21.26 -3.32 -3.40
C VAL A 99 21.22 -2.76 -4.84
N GLN A 100 20.31 -3.27 -5.68
CA GLN A 100 20.16 -2.69 -7.03
C GLN A 100 19.82 -1.20 -6.99
N ILE A 101 18.96 -0.81 -6.04
CA ILE A 101 18.61 0.59 -5.86
C ILE A 101 19.82 1.40 -5.37
N PHE A 102 20.51 0.85 -4.36
CA PHE A 102 21.74 1.45 -3.86
C PHE A 102 22.75 1.70 -4.99
N ASN A 103 22.88 0.74 -5.89
CA ASN A 103 23.85 0.82 -6.98
C ASN A 103 23.56 1.87 -8.06
N GLN A 104 22.36 2.45 -8.06
CA GLN A 104 22.03 3.54 -8.96
C GLN A 104 22.51 4.86 -8.40
N GLY A 105 23.41 5.51 -9.12
CA GLY A 105 24.01 6.76 -8.69
C GLY A 105 25.22 6.47 -7.82
N LEU A 106 26.29 7.21 -8.06
CA LEU A 106 27.46 7.21 -7.19
C LEU A 106 27.08 7.56 -5.74
N LYS A 107 27.45 6.70 -4.80
CA LYS A 107 27.23 6.96 -3.37
C LYS A 107 28.51 7.45 -2.74
N SER A 108 28.40 8.28 -1.72
CA SER A 108 29.55 8.65 -0.91
C SER A 108 29.28 8.36 0.56
N TYR A 109 30.34 8.43 1.36
CA TYR A 109 30.23 8.30 2.81
C TYR A 109 29.17 9.24 3.40
N ARG A 110 28.97 10.42 2.79
CA ARG A 110 27.95 11.37 3.23
C ARG A 110 26.51 10.82 3.15
N ASP A 111 26.27 9.85 2.27
CA ASP A 111 24.94 9.19 2.14
C ASP A 111 24.68 8.09 3.18
N LEU A 112 25.68 7.74 3.98
CA LEU A 112 25.60 6.62 4.92
C LEU A 112 25.39 7.19 6.33
N PRO A 113 24.59 6.55 7.19
CA PRO A 113 23.86 5.32 6.90
C PRO A 113 22.66 5.57 6.00
N LEU A 114 22.50 4.71 5.00
CA LEU A 114 21.37 4.77 4.09
C LEU A 114 20.41 3.66 4.52
N ARG A 115 19.22 4.06 4.95
CA ARG A 115 18.22 3.17 5.54
C ARG A 115 17.06 3.02 4.57
N MET A 116 16.90 1.81 4.03
CA MET A 116 16.00 1.52 2.95
C MET A 116 14.98 0.44 3.34
N ALA A 117 13.73 0.86 3.55
CA ALA A 117 12.61 -0.05 3.92
C ALA A 117 11.70 -0.36 2.74
N GLU A 118 10.99 -1.49 2.86
CA GLU A 118 10.00 -1.92 1.87
C GLU A 118 9.02 -2.88 2.55
N PHE A 119 7.74 -2.76 2.22
CA PHE A 119 6.77 -3.82 2.52
C PHE A 119 6.91 -4.79 1.36
N GLY A 120 7.82 -5.74 1.52
CA GLY A 120 8.30 -6.57 0.40
C GLY A 120 7.43 -7.78 0.19
N SER A 121 6.76 -7.86 -0.96
CA SER A 121 5.90 -9.00 -1.29
C SER A 121 6.79 -10.14 -1.76
N CYS A 122 6.90 -11.16 -0.92
CA CYS A 122 7.81 -12.29 -1.13
C CYS A 122 7.04 -13.59 -1.28
N HIS A 123 7.61 -14.51 -2.04
CA HIS A 123 7.04 -15.84 -2.23
C HIS A 123 8.10 -16.92 -2.04
N ARG A 124 7.70 -17.96 -1.33
CA ARG A 124 8.54 -19.11 -1.07
C ARG A 124 7.72 -20.33 -1.46
N ASN A 125 8.32 -21.28 -2.17
CA ASN A 125 7.62 -22.52 -2.50
C ASN A 125 7.67 -23.51 -1.32
N GLU A 126 6.93 -23.18 -0.27
CA GLU A 126 6.87 -23.97 0.96
C GLU A 126 6.03 -25.22 0.72
N PRO A 127 6.45 -26.38 1.28
CA PRO A 127 5.65 -27.60 1.06
C PRO A 127 4.20 -27.41 1.55
N SER A 128 3.23 -27.87 0.76
CA SER A 128 1.83 -27.62 1.07
C SER A 128 1.39 -28.22 2.40
N GLY A 129 1.98 -29.36 2.78
CA GLY A 129 1.65 -29.99 4.06
C GLY A 129 2.04 -29.18 5.28
N ALA A 130 2.98 -28.24 5.11
CA ALA A 130 3.40 -27.38 6.21
C ALA A 130 2.58 -26.09 6.34
N LEU A 131 1.70 -25.81 5.38
CA LEU A 131 0.94 -24.53 5.38
C LEU A 131 -0.08 -24.51 6.50
N HIS A 132 -0.30 -23.33 7.09
CA HIS A 132 -1.24 -23.21 8.19
C HIS A 132 -1.69 -21.77 8.34
N GLY A 133 -2.94 -21.52 7.98
CA GLY A 133 -3.60 -20.23 8.18
C GLY A 133 -2.78 -19.06 7.68
N LEU A 134 -2.69 -18.02 8.50
CA LEU A 134 -1.85 -16.87 8.22
C LEU A 134 -0.40 -17.02 8.66
N MET A 135 -0.06 -18.08 9.38
CA MET A 135 1.23 -18.16 10.07
C MET A 135 2.30 -18.90 9.27
N ARG A 136 1.92 -19.92 8.50
CA ARG A 136 2.83 -20.53 7.55
C ARG A 136 2.20 -20.46 6.17
N VAL A 137 2.77 -19.60 5.33
CA VAL A 137 2.21 -19.25 4.02
C VAL A 137 3.27 -19.34 2.93
N ARG A 138 2.83 -19.23 1.68
CA ARG A 138 3.73 -19.13 0.53
C ARG A 138 3.95 -17.67 0.11
N GLY A 139 2.93 -16.82 0.19
CA GLY A 139 3.05 -15.41 -0.17
C GLY A 139 2.94 -14.59 1.10
N PHE A 140 3.95 -13.78 1.38
CA PHE A 140 3.98 -12.98 2.58
C PHE A 140 4.57 -11.61 2.32
N THR A 141 4.37 -10.70 3.26
CA THR A 141 4.88 -9.35 3.18
C THR A 141 5.74 -9.08 4.42
N GLN A 142 7.03 -8.82 4.23
CA GLN A 142 7.91 -8.47 5.34
C GLN A 142 7.93 -6.98 5.57
N ASP A 143 7.94 -6.58 6.83
CA ASP A 143 8.30 -5.19 7.21
C ASP A 143 9.83 -5.07 7.18
N ASP A 144 10.36 -5.12 5.97
CA ASP A 144 11.80 -5.30 5.75
C ASP A 144 12.50 -3.96 5.61
N ALA A 145 13.79 -3.96 5.93
CA ALA A 145 14.66 -2.84 5.58
C ALA A 145 16.10 -3.32 5.54
N HIS A 146 16.91 -2.60 4.77
CA HIS A 146 18.34 -2.82 4.75
C HIS A 146 19.04 -1.50 5.00
N ILE A 147 20.02 -1.53 5.90
CA ILE A 147 20.79 -0.37 6.24
C ILE A 147 22.19 -0.56 5.66
N PHE A 148 22.63 0.40 4.86
CA PHE A 148 23.96 0.41 4.29
C PHE A 148 24.79 1.38 5.10
N CYS A 149 25.88 0.89 5.68
CA CYS A 149 26.69 1.73 6.58
C CYS A 149 28.15 1.31 6.66
N THR A 150 28.93 2.15 7.34
CA THR A 150 30.34 1.87 7.57
C THR A 150 30.45 0.96 8.79
N GLU A 151 31.61 0.32 8.93
CA GLU A 151 31.93 -0.49 10.11
C GLU A 151 31.77 0.29 11.42
N GLU A 152 32.16 1.56 11.38
CA GLU A 152 32.12 2.43 12.54
C GLU A 152 30.68 2.78 12.94
N GLN A 153 29.75 2.76 11.99
CA GLN A 153 28.32 3.09 12.22
C GLN A 153 27.45 1.90 12.70
N ILE A 154 27.98 0.67 12.65
CA ILE A 154 27.19 -0.54 12.96
C ILE A 154 26.50 -0.47 14.33
N ARG A 155 27.26 -0.19 15.37
CA ARG A 155 26.72 -0.22 16.74
C ARG A 155 25.54 0.69 16.91
N ASP A 156 25.71 1.94 16.46
CA ASP A 156 24.66 2.95 16.55
C ASP A 156 23.42 2.53 15.73
N GLU A 157 23.63 1.98 14.53
CA GLU A 157 22.51 1.49 13.72
C GLU A 157 21.77 0.28 14.33
N VAL A 158 22.52 -0.66 14.92
CA VAL A 158 21.90 -1.79 15.61
C VAL A 158 21.18 -1.31 16.85
N ASN A 159 21.78 -0.37 17.57
CA ASN A 159 21.13 0.24 18.72
C ASN A 159 19.73 0.80 18.35
N ALA A 160 19.65 1.55 17.25
CA ALA A 160 18.38 2.12 16.81
C ALA A 160 17.37 1.03 16.42
N CYS A 161 17.83 -0.04 15.75
CA CYS A 161 16.96 -1.17 15.43
C CYS A 161 16.34 -1.80 16.68
N ILE A 162 17.17 -2.00 17.70
CA ILE A 162 16.71 -2.59 18.94
C ILE A 162 15.64 -1.71 19.59
N ARG A 163 15.87 -0.40 19.63
CA ARG A 163 14.85 0.51 20.14
C ARG A 163 13.54 0.40 19.37
N MET A 164 13.65 0.37 18.05
CA MET A 164 12.50 0.23 17.17
C MET A 164 11.72 -1.07 17.47
N VAL A 165 12.44 -2.16 17.77
CA VAL A 165 11.81 -3.43 18.10
C VAL A 165 10.92 -3.29 19.33
N TYR A 166 11.47 -2.76 20.42
CA TYR A 166 10.74 -2.68 21.68
C TYR A 166 9.62 -1.64 21.62
N ASP A 167 9.87 -0.56 20.91
CA ASP A 167 8.89 0.48 20.58
C ASP A 167 7.64 -0.15 19.90
N MET A 168 7.86 -0.88 18.82
CA MET A 168 6.76 -1.49 18.07
C MET A 168 6.03 -2.58 18.86
N TYR A 169 6.75 -3.50 19.48
CA TYR A 169 6.10 -4.56 20.26
C TYR A 169 5.27 -4.02 21.44
N SER A 170 5.73 -2.95 22.09
CA SER A 170 4.98 -2.31 23.20
C SER A 170 3.62 -1.75 22.78
N THR A 171 3.52 -1.29 21.54
CA THR A 171 2.25 -0.81 21.02
C THR A 171 1.15 -1.86 21.10
N PHE A 172 1.52 -3.13 20.88
CA PHE A 172 0.56 -4.25 20.87
C PHE A 172 0.42 -4.96 22.21
N GLY A 173 1.05 -4.43 23.25
CA GLY A 173 1.02 -5.00 24.58
C GLY A 173 2.00 -6.12 24.81
N PHE A 174 3.05 -6.24 23.98
CA PHE A 174 4.06 -7.30 24.15
C PHE A 174 5.26 -6.72 24.86
N GLU A 175 5.38 -7.09 26.14
CA GLU A 175 6.43 -6.60 27.03
C GLU A 175 7.42 -7.67 27.47
N LYS A 176 7.04 -8.95 27.34
CA LYS A 176 7.93 -10.07 27.60
C LYS A 176 8.61 -10.50 26.31
N ILE A 177 9.89 -10.15 26.19
CA ILE A 177 10.68 -10.42 24.99
C ILE A 177 11.94 -11.19 25.36
N VAL A 178 12.22 -12.28 24.65
CA VAL A 178 13.46 -13.03 24.76
C VAL A 178 14.34 -12.73 23.55
N VAL A 179 15.62 -12.49 23.81
CA VAL A 179 16.55 -12.06 22.77
C VAL A 179 17.70 -13.06 22.71
N LYS A 180 18.08 -13.46 21.51
CA LYS A 180 19.14 -14.44 21.32
C LYS A 180 20.11 -13.94 20.28
N LEU A 181 21.40 -14.00 20.60
CA LEU A 181 22.46 -13.59 19.67
C LEU A 181 23.13 -14.86 19.13
N SER A 182 23.01 -15.07 17.82
CA SER A 182 23.58 -16.25 17.16
C SER A 182 25.01 -15.98 16.68
N THR A 183 25.96 -16.78 17.16
CA THR A 183 27.38 -16.55 16.94
C THR A 183 27.94 -17.33 15.75
N ARG A 184 29.23 -17.11 15.48
CA ARG A 184 29.92 -17.66 14.32
C ARG A 184 29.71 -19.15 14.08
N PRO A 185 29.25 -19.50 12.87
CA PRO A 185 29.08 -20.92 12.55
C PRO A 185 30.41 -21.53 12.14
N ASP A 186 30.44 -22.86 12.01
CA ASP A 186 31.67 -23.57 11.61
C ASP A 186 32.13 -23.15 10.21
N LYS A 187 31.21 -23.10 9.26
CA LYS A 187 31.46 -22.60 7.91
C LYS A 187 31.06 -21.11 7.81
N ARG A 188 32.04 -20.25 7.61
CA ARG A 188 31.78 -18.79 7.59
C ARG A 188 32.81 -18.06 6.75
N ILE A 189 32.44 -16.89 6.26
CA ILE A 189 33.42 -16.01 5.64
C ILE A 189 33.99 -15.00 6.64
N GLY A 190 35.07 -14.34 6.22
CA GLY A 190 35.74 -13.32 7.01
C GLY A 190 36.67 -13.90 8.05
N SER A 191 37.50 -13.03 8.62
CA SER A 191 38.43 -13.43 9.66
C SER A 191 37.75 -13.58 11.00
N ASP A 192 38.41 -14.30 11.90
CA ASP A 192 37.98 -14.42 13.28
C ASP A 192 37.89 -13.07 14.00
N GLU A 193 38.83 -12.17 13.68
CA GLU A 193 38.80 -10.80 14.20
C GLU A 193 37.54 -10.05 13.74
N MET A 194 37.14 -10.24 12.48
CA MET A 194 35.92 -9.63 11.96
C MET A 194 34.69 -10.12 12.74
N TRP A 195 34.68 -11.42 13.03
CA TRP A 195 33.60 -12.02 13.84
C TRP A 195 33.60 -11.57 15.28
N ASP A 196 34.78 -11.43 15.89
CA ASP A 196 34.88 -10.89 17.25
C ASP A 196 34.22 -9.50 17.32
N ARG A 197 34.58 -8.63 16.37
CA ARG A 197 34.08 -7.25 16.34
C ARG A 197 32.57 -7.17 16.02
N ALA A 198 32.11 -8.02 15.10
CA ALA A 198 30.69 -8.06 14.72
C ALA A 198 29.81 -8.57 15.85
N GLU A 199 30.19 -9.66 16.51
CA GLU A 199 29.47 -10.16 17.69
C GLU A 199 29.45 -9.15 18.84
N ALA A 200 30.57 -8.47 19.05
CA ALA A 200 30.68 -7.42 20.09
C ALA A 200 29.79 -6.21 19.81
N ASP A 201 29.72 -5.80 18.55
CA ASP A 201 28.81 -4.74 18.13
C ASP A 201 27.35 -5.08 18.47
N LEU A 202 26.91 -6.29 18.16
CA LEU A 202 25.56 -6.71 18.51
C LEU A 202 25.40 -6.73 20.04
N ALA A 203 26.38 -7.30 20.74
CA ALA A 203 26.33 -7.45 22.21
C ALA A 203 26.27 -6.10 22.93
N VAL A 204 27.14 -5.18 22.52
CA VAL A 204 27.23 -3.86 23.10
C VAL A 204 25.97 -3.06 22.82
N ALA A 205 25.47 -3.10 21.58
CA ALA A 205 24.23 -2.40 21.25
C ALA A 205 23.08 -2.86 22.15
N LEU A 206 23.04 -4.16 22.43
CA LEU A 206 22.05 -4.70 23.37
C LEU A 206 22.27 -4.19 24.81
N GLU A 207 23.52 -4.22 25.27
CA GLU A 207 23.92 -3.62 26.56
C GLU A 207 23.54 -2.14 26.66
N GLU A 208 23.77 -1.38 25.59
CA GLU A 208 23.42 0.05 25.54
C GLU A 208 21.92 0.34 25.66
N ASN A 209 21.09 -0.66 25.38
CA ASN A 209 19.64 -0.61 25.58
C ASN A 209 19.18 -1.27 26.88
N ASN A 210 20.14 -1.70 27.69
CA ASN A 210 19.92 -2.38 28.94
C ASN A 210 19.11 -3.68 28.77
N ILE A 211 19.46 -4.48 27.76
CA ILE A 211 18.74 -5.73 27.41
C ILE A 211 19.56 -6.97 27.75
N PRO A 212 19.08 -7.81 28.70
CA PRO A 212 19.68 -9.13 28.88
C PRO A 212 19.33 -10.04 27.73
N PHE A 213 20.26 -10.93 27.39
CA PHE A 213 20.07 -11.86 26.29
C PHE A 213 20.85 -13.13 26.51
N GLU A 214 20.78 -14.05 25.54
CA GLU A 214 21.54 -15.28 25.60
C GLU A 214 22.12 -15.61 24.24
N TYR A 215 23.15 -16.42 24.22
CA TYR A 215 23.77 -16.85 22.98
C TYR A 215 23.04 -18.06 22.40
N GLN A 216 22.96 -18.11 21.07
CA GLN A 216 22.72 -19.35 20.33
C GLN A 216 24.02 -19.65 19.61
N LEU A 217 24.83 -20.49 20.24
CA LEU A 217 26.19 -20.72 19.81
C LEU A 217 26.24 -21.44 18.47
N GLY A 218 27.04 -20.91 17.54
CA GLY A 218 27.23 -21.51 16.23
C GLY A 218 26.07 -21.41 15.25
N GLU A 219 25.04 -20.60 15.57
CA GLU A 219 23.84 -20.51 14.73
C GLU A 219 23.80 -19.29 13.81
N GLY A 220 24.86 -18.46 13.81
CA GLY A 220 24.90 -17.31 12.92
C GLY A 220 24.89 -17.74 11.46
N ALA A 221 24.67 -16.79 10.56
CA ALA A 221 24.76 -17.04 9.13
C ALA A 221 26.22 -17.12 8.71
N PHE A 222 26.50 -17.70 7.53
CA PHE A 222 27.87 -17.70 7.01
C PHE A 222 28.41 -16.27 6.83
N TYR A 223 27.51 -15.31 6.63
CA TYR A 223 27.85 -13.93 6.31
C TYR A 223 27.74 -12.97 7.49
N GLY A 224 27.43 -13.47 8.69
CA GLY A 224 27.51 -12.64 9.89
C GLY A 224 26.59 -13.07 11.01
N PRO A 225 26.82 -12.51 12.21
CA PRO A 225 26.00 -12.84 13.34
C PRO A 225 24.66 -12.11 13.28
N LYS A 226 23.72 -12.56 14.10
CA LYS A 226 22.39 -11.95 14.17
C LYS A 226 21.83 -11.91 15.58
N ILE A 227 20.84 -11.05 15.76
CA ILE A 227 19.99 -11.03 16.96
C ILE A 227 18.58 -11.39 16.51
N GLU A 228 17.93 -12.29 17.27
CA GLU A 228 16.51 -12.60 17.08
C GLU A 228 15.65 -12.29 18.31
N PHE A 229 14.45 -11.76 18.07
CA PHE A 229 13.60 -11.26 19.13
C PHE A 229 12.34 -12.10 19.13
N THR A 230 12.06 -12.70 20.28
CA THR A 230 10.93 -13.60 20.45
C THR A 230 9.98 -12.97 21.45
N LEU A 231 8.75 -12.68 21.02
CA LEU A 231 7.74 -12.12 21.93
C LEU A 231 6.83 -13.20 22.51
N TYR A 232 6.24 -12.91 23.67
CA TYR A 232 5.33 -13.83 24.34
C TYR A 232 3.93 -13.25 24.40
N ASP A 233 2.94 -14.00 23.93
CA ASP A 233 1.55 -13.57 23.95
C ASP A 233 0.94 -13.80 25.34
N CYS A 234 -0.33 -13.43 25.50
CA CYS A 234 -0.98 -13.48 26.82
C CYS A 234 -1.23 -14.91 27.33
N LEU A 235 -1.12 -15.90 26.45
CA LEU A 235 -1.08 -17.31 26.81
C LEU A 235 0.35 -17.85 27.08
N ASP A 236 1.33 -16.94 27.15
CA ASP A 236 2.74 -17.29 27.33
C ASP A 236 3.32 -18.16 26.22
N ARG A 237 2.81 -18.01 25.00
CA ARG A 237 3.36 -18.72 23.84
C ARG A 237 4.42 -17.83 23.19
N ALA A 238 5.50 -18.46 22.73
CA ALA A 238 6.67 -17.77 22.17
C ALA A 238 6.48 -17.61 20.68
N TRP A 239 6.80 -16.43 20.15
CA TRP A 239 6.72 -16.18 18.70
C TRP A 239 7.97 -15.43 18.29
N GLN A 240 8.84 -16.07 17.53
CA GLN A 240 10.03 -15.40 17.03
C GLN A 240 9.58 -14.52 15.88
N CYS A 241 9.81 -13.21 16.01
CA CYS A 241 9.35 -12.24 15.00
C CYS A 241 10.47 -11.39 14.41
N GLY A 242 11.28 -10.80 15.27
CA GLY A 242 12.27 -9.83 14.85
C GLY A 242 13.62 -10.44 14.56
N THR A 243 14.35 -9.78 13.67
CA THR A 243 15.69 -10.18 13.28
C THR A 243 16.50 -8.92 12.99
N VAL A 244 17.73 -8.89 13.48
CA VAL A 244 18.73 -7.93 13.02
C VAL A 244 19.94 -8.76 12.62
N GLN A 245 20.30 -8.72 11.34
CA GLN A 245 21.30 -9.62 10.77
C GLN A 245 22.40 -8.80 10.13
N LEU A 246 23.64 -9.00 10.56
CA LEU A 246 24.77 -8.32 9.90
C LEU A 246 25.17 -9.15 8.71
N ASP A 247 25.63 -8.47 7.66
CA ASP A 247 25.93 -9.11 6.38
C ASP A 247 27.18 -8.47 5.78
N PHE A 248 28.28 -9.23 5.79
CA PHE A 248 29.57 -8.82 5.23
C PHE A 248 29.84 -9.43 3.86
N SER A 249 28.82 -10.04 3.25
CA SER A 249 28.98 -10.80 2.00
C SER A 249 28.23 -10.18 0.82
N LEU A 250 26.95 -9.90 1.01
CA LEU A 250 26.09 -9.51 -0.13
C LEU A 250 26.54 -8.24 -0.87
N PRO A 251 26.93 -7.18 -0.14
CA PRO A 251 27.37 -5.99 -0.90
C PRO A 251 28.52 -6.27 -1.87
N SER A 252 29.53 -7.00 -1.40
CA SER A 252 30.64 -7.41 -2.26
C SER A 252 30.15 -8.28 -3.44
N ARG A 253 29.32 -9.28 -3.15
CA ARG A 253 28.79 -10.14 -4.23
C ARG A 253 28.08 -9.36 -5.35
N LEU A 254 27.39 -8.29 -4.98
CA LEU A 254 26.59 -7.50 -5.93
C LEU A 254 27.24 -6.18 -6.31
N SER A 255 28.55 -6.07 -6.10
CA SER A 255 29.37 -4.92 -6.49
C SER A 255 28.88 -3.59 -5.95
N ALA A 256 28.40 -3.58 -4.71
CA ALA A 256 28.03 -2.35 -4.03
C ALA A 256 29.28 -1.63 -3.48
N SER A 257 29.33 -0.31 -3.64
CA SER A 257 30.44 0.47 -3.13
C SER A 257 30.07 1.92 -2.94
N TYR A 258 30.89 2.63 -2.16
CA TYR A 258 30.77 4.06 -1.98
C TYR A 258 32.15 4.74 -1.92
N VAL A 259 32.16 6.04 -2.17
CA VAL A 259 33.38 6.83 -2.11
C VAL A 259 33.59 7.24 -0.67
N GLY A 260 34.64 6.72 -0.06
CA GLY A 260 34.99 7.05 1.32
C GLY A 260 35.49 8.47 1.49
N GLU A 261 35.65 8.88 2.74
CA GLU A 261 36.12 10.23 3.09
C GLU A 261 37.59 10.45 2.65
N ASP A 262 38.39 9.39 2.73
CA ASP A 262 39.75 9.35 2.15
C ASP A 262 39.78 9.18 0.60
N ASN A 263 38.61 9.28 -0.04
CA ASN A 263 38.44 9.19 -1.49
C ASN A 263 38.71 7.83 -2.15
N GLU A 264 38.74 6.75 -1.36
CA GLU A 264 38.89 5.39 -1.88
C GLU A 264 37.55 4.66 -1.98
N ARG A 265 37.47 3.71 -2.91
CA ARG A 265 36.28 2.90 -3.15
C ARG A 265 36.14 1.92 -1.97
N LYS A 266 35.03 2.04 -1.24
CA LYS A 266 34.78 1.18 -0.07
C LYS A 266 33.49 0.39 -0.23
N VAL A 267 33.46 -0.82 0.34
CA VAL A 267 32.29 -1.69 0.32
C VAL A 267 31.49 -1.49 1.61
N PRO A 268 30.21 -1.14 1.49
CA PRO A 268 29.45 -0.91 2.72
C PRO A 268 29.09 -2.20 3.46
N VAL A 269 28.85 -2.09 4.75
CA VAL A 269 28.29 -3.17 5.55
C VAL A 269 26.77 -3.08 5.39
N MET A 270 26.09 -4.22 5.39
CA MET A 270 24.62 -4.25 5.31
C MET A 270 24.05 -4.84 6.60
N ILE A 271 22.99 -4.21 7.11
CA ILE A 271 22.20 -4.73 8.21
C ILE A 271 20.84 -5.03 7.60
N HIS A 272 20.38 -6.28 7.71
CA HIS A 272 19.02 -6.67 7.36
C HIS A 272 18.23 -6.57 8.65
N ARG A 273 17.02 -6.03 8.62
CA ARG A 273 16.15 -6.13 9.79
C ARG A 273 14.67 -6.13 9.46
N ALA A 274 13.94 -6.95 10.21
CA ALA A 274 12.48 -6.97 10.18
C ALA A 274 12.03 -7.08 11.62
N ILE A 275 10.93 -6.42 11.96
CA ILE A 275 10.45 -6.31 13.35
C ILE A 275 9.26 -7.25 13.59
N LEU A 276 8.23 -7.08 12.78
CA LEU A 276 7.03 -7.91 12.83
C LEU A 276 7.30 -9.27 12.20
N GLY A 277 8.15 -9.28 11.16
CA GLY A 277 8.42 -10.46 10.36
C GLY A 277 7.44 -10.45 9.21
N SER A 278 6.68 -11.52 9.05
CA SER A 278 5.57 -11.55 8.08
C SER A 278 4.39 -10.77 8.65
N MET A 279 3.89 -9.79 7.88
CA MET A 279 2.69 -9.00 8.25
C MET A 279 1.48 -9.93 8.46
N GLU A 280 1.33 -10.90 7.54
CA GLU A 280 0.26 -11.90 7.57
C GLU A 280 0.36 -12.69 8.88
N ARG A 281 1.55 -13.21 9.18
CA ARG A 281 1.74 -13.94 10.44
C ARG A 281 1.49 -13.09 11.69
N PHE A 282 1.95 -11.83 11.67
CA PHE A 282 1.77 -10.94 12.78
C PHE A 282 0.27 -10.64 13.02
N ILE A 283 -0.49 -10.47 11.93
CA ILE A 283 -1.95 -10.34 12.05
C ILE A 283 -2.58 -11.59 12.67
N GLY A 284 -2.12 -12.78 12.27
CA GLY A 284 -2.55 -14.04 12.92
C GLY A 284 -2.29 -14.02 14.43
N ILE A 285 -1.07 -13.66 14.80
CA ILE A 285 -0.67 -13.59 16.21
C ILE A 285 -1.59 -12.62 16.97
N LEU A 286 -1.77 -11.43 16.41
CA LEU A 286 -2.63 -10.40 17.00
C LEU A 286 -4.08 -10.87 17.18
N THR A 287 -4.59 -11.56 16.16
CA THR A 287 -5.95 -12.04 16.19
C THR A 287 -6.13 -12.94 17.41
N GLU A 288 -5.18 -13.82 17.63
CA GLU A 288 -5.19 -14.74 18.77
C GLU A 288 -4.94 -14.01 20.09
N GLU A 289 -3.97 -13.08 20.11
CA GLU A 289 -3.68 -12.30 21.32
C GLU A 289 -4.90 -11.52 21.83
N PHE A 290 -5.63 -10.88 20.92
CA PHE A 290 -6.81 -10.13 21.28
C PHE A 290 -8.12 -10.92 21.25
N ALA A 291 -8.06 -12.19 20.83
CA ALA A 291 -9.24 -13.02 20.57
C ALA A 291 -10.27 -12.30 19.69
N GLY A 292 -9.77 -11.59 18.68
CA GLY A 292 -10.62 -10.81 17.78
C GLY A 292 -11.08 -9.44 18.24
N PHE A 293 -10.76 -9.07 19.49
CA PHE A 293 -11.08 -7.75 20.03
C PHE A 293 -9.93 -6.81 19.71
N PHE A 294 -9.80 -6.46 18.45
CA PHE A 294 -8.70 -5.60 18.02
C PHE A 294 -8.80 -4.24 18.68
N PRO A 295 -7.67 -3.65 19.12
CA PRO A 295 -7.70 -2.26 19.60
C PRO A 295 -8.33 -1.32 18.57
N THR A 296 -8.99 -0.27 19.05
CA THR A 296 -9.83 0.55 18.18
C THR A 296 -9.12 1.03 16.93
N TRP A 297 -7.84 1.43 17.06
CA TRP A 297 -7.08 1.90 15.92
C TRP A 297 -6.96 0.87 14.81
N LEU A 298 -6.96 -0.40 15.20
CA LEU A 298 -6.90 -1.53 14.26
C LEU A 298 -8.23 -2.09 13.80
N ALA A 299 -9.30 -1.86 14.54
CA ALA A 299 -10.58 -2.51 14.27
C ALA A 299 -11.11 -2.15 12.89
N PRO A 300 -11.53 -3.15 12.09
CA PRO A 300 -12.07 -2.85 10.74
C PRO A 300 -13.20 -1.80 10.77
N VAL A 301 -14.16 -2.00 11.69
CA VAL A 301 -15.22 -1.01 11.93
C VAL A 301 -15.08 -0.56 13.36
N GLN A 302 -14.87 0.73 13.56
CA GLN A 302 -14.54 1.25 14.88
C GLN A 302 -15.80 1.57 15.69
N VAL A 303 -16.82 2.08 15.01
CA VAL A 303 -18.07 2.52 15.63
C VAL A 303 -19.24 2.11 14.76
N VAL A 304 -20.31 1.58 15.38
CA VAL A 304 -21.60 1.46 14.69
C VAL A 304 -22.60 2.39 15.38
N VAL A 305 -23.23 3.24 14.60
CA VAL A 305 -24.27 4.16 15.09
C VAL A 305 -25.63 3.56 14.77
N MET A 306 -26.51 3.48 15.77
CA MET A 306 -27.76 2.73 15.63
C MET A 306 -28.93 3.46 16.29
N ASN A 307 -30.08 3.35 15.66
CA ASN A 307 -31.33 3.93 16.18
C ASN A 307 -32.13 2.86 16.92
N ILE A 308 -32.86 3.29 17.95
CA ILE A 308 -33.81 2.41 18.65
C ILE A 308 -35.06 2.17 17.78
N THR A 309 -35.61 3.25 17.22
CA THR A 309 -36.75 3.18 16.29
C THR A 309 -36.49 4.06 15.05
N ASP A 310 -37.41 4.01 14.08
CA ASP A 310 -37.27 4.80 12.85
C ASP A 310 -37.17 6.31 13.11
N SER A 311 -37.73 6.79 14.22
CA SER A 311 -37.75 8.22 14.58
C SER A 311 -36.37 8.87 14.71
N GLN A 312 -35.34 8.09 15.07
CA GLN A 312 -33.99 8.63 15.22
C GLN A 312 -33.09 8.44 13.99
N SER A 313 -33.65 8.06 12.84
CA SER A 313 -32.85 7.73 11.67
C SER A 313 -32.03 8.90 11.12
N GLU A 314 -32.60 10.11 11.13
CA GLU A 314 -31.89 11.28 10.56
C GLU A 314 -30.87 11.85 11.53
N TYR A 315 -31.13 11.76 12.83
CA TYR A 315 -30.08 12.01 13.82
C TYR A 315 -28.88 11.03 13.67
N VAL A 316 -29.19 9.76 13.46
CA VAL A 316 -28.12 8.76 13.22
C VAL A 316 -27.34 9.10 11.96
N ASN A 317 -28.04 9.54 10.91
CA ASN A 317 -27.37 9.97 9.69
C ASN A 317 -26.43 11.15 9.90
N GLU A 318 -26.84 12.13 10.72
CA GLU A 318 -25.99 13.29 11.00
C GLU A 318 -24.78 12.88 11.82
N LEU A 319 -25.00 12.04 12.83
CA LEU A 319 -23.93 11.62 13.71
C LEU A 319 -22.90 10.77 12.93
N THR A 320 -23.39 9.95 12.02
CA THR A 320 -22.54 9.10 11.19
C THR A 320 -21.67 9.96 10.26
N GLN A 321 -22.26 10.98 9.66
CA GLN A 321 -21.51 11.93 8.84
C GLN A 321 -20.44 12.65 9.66
N LYS A 322 -20.75 13.04 10.90
CA LYS A 322 -19.77 13.69 11.77
C LYS A 322 -18.57 12.78 12.10
N LEU A 323 -18.86 11.54 12.45
CA LEU A 323 -17.81 10.55 12.69
C LEU A 323 -16.98 10.26 11.43
N GLN A 324 -17.64 10.18 10.29
CA GLN A 324 -16.94 10.04 9.02
C GLN A 324 -16.00 11.23 8.74
N ASN A 325 -16.49 12.45 8.96
CA ASN A 325 -15.65 13.66 8.83
C ASN A 325 -14.49 13.71 9.83
N ALA A 326 -14.68 13.13 11.02
CA ALA A 326 -13.60 13.00 11.99
C ALA A 326 -12.57 11.88 11.68
N GLY A 327 -12.68 11.22 10.53
CA GLY A 327 -11.75 10.15 10.15
C GLY A 327 -11.99 8.78 10.78
N ILE A 328 -13.16 8.55 11.39
CA ILE A 328 -13.46 7.28 12.07
C ILE A 328 -14.13 6.31 11.10
N ARG A 329 -13.77 5.03 11.22
CA ARG A 329 -14.39 3.97 10.44
C ARG A 329 -15.73 3.61 11.08
N VAL A 330 -16.80 4.18 10.51
CA VAL A 330 -18.13 4.17 11.11
C VAL A 330 -19.15 3.59 10.13
N LYS A 331 -20.12 2.83 10.65
CA LYS A 331 -21.29 2.38 9.87
C LYS A 331 -22.55 2.74 10.65
N ALA A 332 -23.62 3.05 9.92
CA ALA A 332 -24.96 3.22 10.52
C ALA A 332 -25.73 1.91 10.41
N ASP A 333 -26.31 1.45 11.51
CA ASP A 333 -27.24 0.33 11.48
C ASP A 333 -28.66 0.89 11.65
N LEU A 334 -29.33 1.08 10.51
CA LEU A 334 -30.68 1.66 10.45
C LEU A 334 -31.76 0.59 10.18
N ARG A 335 -31.45 -0.68 10.41
CA ARG A 335 -32.41 -1.76 10.18
C ARG A 335 -33.58 -1.66 11.17
N ASN A 336 -34.77 -2.05 10.72
CA ASN A 336 -35.94 -2.18 11.58
C ASN A 336 -35.75 -3.45 12.40
N GLU A 337 -34.92 -3.36 13.43
CA GLU A 337 -34.56 -4.48 14.32
C GLU A 337 -34.55 -3.95 15.73
N LYS A 338 -34.81 -4.81 16.71
CA LYS A 338 -34.68 -4.42 18.11
C LYS A 338 -33.25 -3.98 18.43
N ILE A 339 -33.13 -2.95 19.25
CA ILE A 339 -31.82 -2.46 19.68
C ILE A 339 -30.93 -3.58 20.25
N GLY A 340 -31.51 -4.48 21.05
CA GLY A 340 -30.78 -5.64 21.57
C GLY A 340 -30.24 -6.59 20.51
N PHE A 341 -31.03 -6.81 19.45
CA PHE A 341 -30.56 -7.54 18.29
C PHE A 341 -29.33 -6.87 17.65
N LYS A 342 -29.37 -5.55 17.51
CA LYS A 342 -28.27 -4.81 16.86
C LYS A 342 -27.01 -4.86 17.72
N ILE A 343 -27.17 -4.66 19.04
CA ILE A 343 -26.03 -4.66 19.96
C ILE A 343 -25.34 -6.04 19.95
N ARG A 344 -26.14 -7.11 20.01
CA ARG A 344 -25.60 -8.46 20.03
C ARG A 344 -24.80 -8.80 18.76
N GLU A 345 -25.33 -8.44 17.59
CA GLU A 345 -24.62 -8.70 16.31
C GLU A 345 -23.26 -7.99 16.26
N HIS A 346 -23.26 -6.71 16.61
CA HIS A 346 -22.01 -5.91 16.53
C HIS A 346 -21.03 -6.22 17.62
N THR A 347 -21.55 -6.68 18.77
CA THR A 347 -20.71 -7.23 19.83
C THR A 347 -20.02 -8.48 19.34
N LEU A 348 -20.75 -9.37 18.66
CA LEU A 348 -20.17 -10.61 18.13
C LEU A 348 -19.12 -10.31 17.03
N ARG A 349 -19.35 -9.23 16.28
CA ARG A 349 -18.38 -8.76 15.29
C ARG A 349 -17.21 -7.93 15.87
N ARG A 350 -17.21 -7.73 17.18
CA ARG A 350 -16.10 -7.08 17.92
C ARG A 350 -15.90 -5.63 17.53
N VAL A 351 -17.02 -4.95 17.26
CA VAL A 351 -17.00 -3.51 17.02
C VAL A 351 -16.73 -2.84 18.35
N PRO A 352 -15.67 -2.00 18.45
CA PRO A 352 -15.33 -1.38 19.73
C PRO A 352 -16.49 -0.62 20.41
N TYR A 353 -17.16 0.25 19.66
CA TYR A 353 -18.19 1.13 20.22
C TYR A 353 -19.50 1.07 19.45
N MET A 354 -20.57 1.04 20.20
CA MET A 354 -21.90 1.12 19.64
C MET A 354 -22.54 2.36 20.23
N LEU A 355 -22.88 3.28 19.34
CA LEU A 355 -23.40 4.60 19.68
C LEU A 355 -24.92 4.54 19.48
N VAL A 356 -25.67 4.43 20.58
CA VAL A 356 -27.12 4.18 20.56
C VAL A 356 -27.89 5.51 20.66
N CYS A 357 -28.82 5.73 19.72
CA CYS A 357 -29.64 6.96 19.67
C CYS A 357 -31.12 6.66 19.89
N GLY A 358 -31.60 6.92 21.09
CA GLY A 358 -33.04 6.91 21.42
C GLY A 358 -33.56 8.33 21.42
N ASP A 359 -34.85 8.49 21.70
CA ASP A 359 -35.44 9.81 21.70
C ASP A 359 -34.74 10.74 22.67
N LYS A 360 -34.42 10.24 23.87
CA LYS A 360 -33.76 11.05 24.91
C LYS A 360 -32.40 11.59 24.46
N GLU A 361 -31.65 10.77 23.73
CA GLU A 361 -30.34 11.16 23.21
C GLU A 361 -30.51 12.25 22.17
N VAL A 362 -31.47 12.05 21.26
CA VAL A 362 -31.71 13.01 20.17
C VAL A 362 -32.12 14.36 20.76
N GLU A 363 -33.00 14.33 21.75
CA GLU A 363 -33.56 15.55 22.34
C GLU A 363 -32.52 16.39 23.10
N ALA A 364 -31.50 15.73 23.66
CA ALA A 364 -30.42 16.39 24.41
C ALA A 364 -29.14 16.64 23.59
N GLY A 365 -29.13 16.20 22.33
CA GLY A 365 -27.94 16.30 21.50
C GLY A 365 -26.81 15.46 22.05
N LYS A 366 -27.16 14.28 22.59
CA LYS A 366 -26.19 13.36 23.17
C LYS A 366 -26.20 12.02 22.41
N VAL A 367 -25.43 11.06 22.91
CA VAL A 367 -25.47 9.72 22.39
C VAL A 367 -25.11 8.75 23.52
N ALA A 368 -25.73 7.58 23.55
CA ALA A 368 -25.46 6.57 24.58
C ALA A 368 -24.39 5.64 24.04
N VAL A 369 -23.34 5.39 24.82
CA VAL A 369 -22.21 4.59 24.33
C VAL A 369 -22.14 3.24 25.05
N ARG A 370 -22.15 2.16 24.26
CA ARG A 370 -21.97 0.80 24.74
C ARG A 370 -20.68 0.25 24.11
N THR A 371 -19.88 -0.45 24.90
CA THR A 371 -18.69 -1.13 24.38
C THR A 371 -18.97 -2.60 24.04
N ARG A 372 -18.16 -3.16 23.16
CA ARG A 372 -18.24 -4.59 22.83
C ARG A 372 -18.00 -5.56 24.01
N ARG A 373 -17.43 -5.07 25.11
CA ARG A 373 -17.31 -5.85 26.35
C ARG A 373 -18.60 -5.79 27.20
N GLY A 374 -19.64 -5.11 26.72
CA GLY A 374 -20.91 -5.01 27.44
C GLY A 374 -21.01 -3.86 28.44
N LYS A 375 -20.06 -2.93 28.41
CA LYS A 375 -20.08 -1.78 29.32
C LYS A 375 -21.00 -0.66 28.79
N ASP A 376 -21.92 -0.22 29.65
CA ASP A 376 -22.74 0.96 29.39
C ASP A 376 -21.99 2.18 29.94
N LEU A 377 -21.46 3.03 29.05
CA LEU A 377 -20.80 4.26 29.47
C LEU A 377 -21.78 5.43 29.64
N GLY A 378 -23.08 5.18 29.51
CA GLY A 378 -24.10 6.22 29.66
C GLY A 378 -24.19 7.09 28.42
N SER A 379 -24.75 8.28 28.61
CA SER A 379 -25.04 9.17 27.49
C SER A 379 -24.16 10.40 27.63
N LEU A 380 -23.56 10.79 26.51
CA LEU A 380 -22.49 11.75 26.52
C LEU A 380 -22.69 12.73 25.37
N ASP A 381 -22.21 13.94 25.55
CA ASP A 381 -22.23 14.95 24.50
C ASP A 381 -21.48 14.41 23.26
N VAL A 382 -22.08 14.58 22.08
CA VAL A 382 -21.55 14.01 20.83
C VAL A 382 -20.10 14.42 20.54
N ASN A 383 -19.81 15.72 20.64
CA ASN A 383 -18.48 16.24 20.31
C ASN A 383 -17.41 15.75 21.29
N ASP A 384 -17.77 15.60 22.56
CA ASP A 384 -16.85 15.06 23.56
C ASP A 384 -16.53 13.59 23.27
N VAL A 385 -17.55 12.81 22.87
CA VAL A 385 -17.34 11.41 22.49
C VAL A 385 -16.44 11.33 21.26
N ILE A 386 -16.68 12.17 20.26
CA ILE A 386 -15.85 12.17 19.04
C ILE A 386 -14.39 12.48 19.37
N GLU A 387 -14.17 13.48 20.19
CA GLU A 387 -12.83 13.86 20.65
C GLU A 387 -12.13 12.70 21.36
N LYS A 388 -12.85 12.00 22.22
CA LYS A 388 -12.27 10.87 22.95
C LYS A 388 -11.92 9.70 22.03
N LEU A 389 -12.78 9.42 21.05
CA LEU A 389 -12.50 8.37 20.07
C LEU A 389 -11.28 8.68 19.22
N GLN A 390 -11.19 9.92 18.76
CA GLN A 390 -10.02 10.38 18.01
C GLN A 390 -8.70 10.24 18.78
N GLN A 391 -8.73 10.58 20.07
CA GLN A 391 -7.57 10.45 20.95
C GLN A 391 -7.15 8.97 21.12
N GLU A 392 -8.13 8.09 21.34
CA GLU A 392 -7.87 6.64 21.47
C GLU A 392 -7.28 6.07 20.19
N ILE A 393 -7.76 6.57 19.06
CA ILE A 393 -7.30 6.11 17.76
C ILE A 393 -5.89 6.66 17.46
N ARG A 394 -5.72 7.98 17.57
CA ARG A 394 -4.44 8.62 17.27
C ARG A 394 -3.29 8.13 18.16
N SER A 395 -3.60 7.87 19.43
CA SER A 395 -2.60 7.35 20.38
C SER A 395 -2.40 5.82 20.30
N ARG A 396 -3.18 5.14 19.45
CA ARG A 396 -3.12 3.67 19.30
C ARG A 396 -3.24 2.94 20.63
N SER A 397 -4.13 3.45 21.47
CA SER A 397 -4.38 2.90 22.79
C SER A 397 -4.90 1.44 22.74
N LEU A 398 -4.39 0.63 23.65
CA LEU A 398 -4.85 -0.73 23.84
C LEU A 398 -6.21 -0.83 24.55
N GLN A 399 -6.59 0.21 25.28
CA GLN A 399 -7.77 0.20 26.16
C GLN A 399 -8.89 1.06 25.62
N GLN A 400 -10.12 0.61 25.89
CA GLN A 400 -11.33 1.38 25.56
C GLN A 400 -11.67 2.36 26.69
N LEU A 401 -12.62 3.25 26.42
CA LEU A 401 -13.03 4.29 27.36
C LEU A 401 -13.62 3.76 28.66
N GLU A 402 -13.52 4.60 29.69
CA GLU A 402 -14.03 4.40 31.06
C GLU A 402 -14.97 3.20 31.26
N GLY B 2 12.30 19.38 -23.55
CA GLY B 2 12.07 17.93 -23.30
C GLY B 2 11.32 17.67 -22.01
N ARG B 3 10.51 16.62 -22.03
CA ARG B 3 9.69 16.20 -20.89
C ARG B 3 9.67 14.67 -20.81
N ASP B 4 10.78 14.03 -21.18
CA ASP B 4 10.88 12.57 -21.16
C ASP B 4 10.81 12.09 -19.70
N HIS B 5 9.81 11.26 -19.41
CA HIS B 5 9.68 10.69 -18.06
C HIS B 5 10.88 9.86 -17.64
N ARG B 6 11.60 9.28 -18.61
CA ARG B 6 12.82 8.51 -18.30
C ARG B 6 13.92 9.42 -17.74
N LYS B 7 14.05 10.59 -18.36
CA LYS B 7 15.06 11.57 -17.95
C LYS B 7 14.68 12.21 -16.61
N ILE B 8 13.43 12.63 -16.48
CA ILE B 8 12.95 13.25 -15.24
C ILE B 8 13.02 12.22 -14.10
N GLY B 9 12.63 10.97 -14.39
CA GLY B 9 12.77 9.87 -13.43
C GLY B 9 14.18 9.68 -12.90
N LYS B 10 15.17 9.80 -13.77
CA LYS B 10 16.57 9.72 -13.36
C LYS B 10 16.97 10.99 -12.60
N GLN B 11 16.75 12.15 -13.18
CA GLN B 11 17.13 13.44 -12.57
C GLN B 11 16.54 13.65 -11.16
N LEU B 12 15.26 13.30 -10.98
CA LEU B 12 14.60 13.48 -9.67
C LEU B 12 14.62 12.23 -8.77
N ASP B 13 15.36 11.20 -9.20
CA ASP B 13 15.55 9.96 -8.42
C ASP B 13 14.20 9.31 -8.08
N LEU B 14 13.34 9.17 -9.10
CA LEU B 14 12.00 8.64 -8.89
C LEU B 14 12.00 7.12 -8.99
N TYR B 15 12.69 6.58 -10.00
CA TYR B 15 12.64 5.15 -10.27
C TYR B 15 13.81 4.77 -11.15
N HIS B 16 14.05 3.49 -11.31
CA HIS B 16 14.92 3.01 -12.40
C HIS B 16 14.42 1.66 -12.89
N MET B 17 14.93 1.29 -14.05
CA MET B 17 14.71 -0.03 -14.60
C MET B 17 16.04 -0.56 -15.08
N GLN B 18 16.14 -1.89 -15.16
CA GLN B 18 17.41 -2.51 -15.57
C GLN B 18 17.16 -3.84 -16.27
N GLU B 19 18.17 -4.33 -16.99
CA GLU B 19 18.00 -5.50 -17.89
C GLU B 19 17.71 -6.81 -17.15
N GLU B 20 18.08 -6.88 -15.88
CA GLU B 20 17.78 -8.04 -15.04
C GLU B 20 16.28 -8.24 -14.77
N ALA B 21 15.47 -7.21 -15.01
CA ALA B 21 14.04 -7.29 -14.77
C ALA B 21 13.32 -6.44 -15.83
N PRO B 22 13.30 -6.95 -17.09
CA PRO B 22 12.73 -6.20 -18.21
C PRO B 22 11.28 -5.79 -17.96
N GLY B 23 10.99 -4.51 -18.16
CA GLY B 23 9.65 -3.97 -17.98
C GLY B 23 9.12 -4.02 -16.56
N MET B 24 10.02 -3.96 -15.58
CA MET B 24 9.63 -3.93 -14.19
C MET B 24 10.35 -2.81 -13.45
N VAL B 25 9.58 -2.08 -12.64
CA VAL B 25 10.03 -0.80 -12.09
C VAL B 25 10.56 -0.96 -10.66
N PHE B 26 11.71 -0.36 -10.38
CA PHE B 26 12.20 -0.15 -9.01
C PHE B 26 11.84 1.29 -8.64
N TRP B 27 10.95 1.48 -7.67
CA TRP B 27 10.60 2.82 -7.22
C TRP B 27 11.53 3.24 -6.10
N HIS B 28 12.24 4.35 -6.33
CA HIS B 28 13.11 4.95 -5.33
C HIS B 28 12.23 5.78 -4.38
N ASN B 29 12.81 6.25 -3.28
CA ASN B 29 12.05 6.93 -2.24
C ASN B 29 11.05 7.98 -2.78
N ASP B 30 11.55 8.89 -3.58
CA ASP B 30 10.75 10.00 -4.08
C ASP B 30 9.66 9.57 -5.08
N GLY B 31 9.97 8.59 -5.92
CA GLY B 31 8.97 8.01 -6.83
C GLY B 31 7.87 7.25 -6.10
N TRP B 32 8.28 6.49 -5.09
CA TRP B 32 7.34 5.74 -4.27
C TRP B 32 6.43 6.66 -3.46
N THR B 33 6.93 7.82 -3.03
CA THR B 33 6.10 8.85 -2.41
C THR B 33 4.97 9.28 -3.36
N ILE B 34 5.33 9.54 -4.62
CA ILE B 34 4.35 9.91 -5.65
C ILE B 34 3.29 8.81 -5.82
N PHE B 35 3.77 7.59 -6.02
CA PHE B 35 2.91 6.40 -6.16
C PHE B 35 1.94 6.29 -4.98
N ARG B 36 2.46 6.36 -3.76
CA ARG B 36 1.62 6.27 -2.58
C ARG B 36 0.63 7.41 -2.49
N GLU B 37 1.01 8.63 -2.86
CA GLU B 37 0.02 9.74 -2.89
C GLU B 37 -1.07 9.49 -3.94
N LEU B 38 -0.71 8.90 -5.07
CA LEU B 38 -1.70 8.51 -6.06
C LEU B 38 -2.67 7.45 -5.51
N GLU B 39 -2.13 6.49 -4.74
CA GLU B 39 -2.96 5.51 -4.04
C GLU B 39 -3.89 6.15 -3.03
N VAL B 40 -3.39 7.10 -2.26
CA VAL B 40 -4.23 7.84 -1.31
C VAL B 40 -5.40 8.50 -2.05
N PHE B 41 -5.09 9.14 -3.18
CA PHE B 41 -6.13 9.76 -4.00
C PHE B 41 -7.18 8.75 -4.48
N VAL B 42 -6.74 7.63 -5.04
CA VAL B 42 -7.65 6.60 -5.52
C VAL B 42 -8.53 6.10 -4.35
N ARG B 43 -7.92 5.85 -3.19
CA ARG B 43 -8.67 5.41 -2.02
C ARG B 43 -9.71 6.45 -1.57
N SER B 44 -9.42 7.74 -1.73
CA SER B 44 -10.40 8.79 -1.44
C SER B 44 -11.62 8.65 -2.33
N LYS B 45 -11.39 8.33 -3.60
CA LYS B 45 -12.48 8.09 -4.56
C LYS B 45 -13.20 6.76 -4.31
N LEU B 46 -12.47 5.72 -3.93
CA LEU B 46 -13.13 4.47 -3.53
C LEU B 46 -14.13 4.69 -2.39
N LYS B 47 -13.71 5.48 -1.40
CA LYS B 47 -14.60 5.83 -0.31
C LYS B 47 -15.80 6.63 -0.81
N GLU B 48 -15.55 7.69 -1.56
CA GLU B 48 -16.60 8.57 -2.07
C GLU B 48 -17.66 7.81 -2.90
N TYR B 49 -17.19 6.88 -3.75
CA TYR B 49 -18.07 6.11 -4.63
C TYR B 49 -18.48 4.75 -4.06
N GLN B 50 -18.16 4.50 -2.78
CA GLN B 50 -18.63 3.36 -2.00
C GLN B 50 -18.17 2.01 -2.52
N TYR B 51 -16.84 1.87 -2.56
CA TYR B 51 -16.17 0.63 -2.89
C TYR B 51 -15.48 0.02 -1.67
N GLN B 52 -15.51 -1.30 -1.58
CA GLN B 52 -14.61 -2.07 -0.71
C GLN B 52 -13.24 -2.14 -1.36
N GLU B 53 -12.22 -2.46 -0.57
CA GLU B 53 -10.89 -2.73 -1.08
C GLU B 53 -10.40 -4.07 -0.53
N VAL B 54 -9.85 -4.89 -1.42
CA VAL B 54 -9.42 -6.24 -1.10
C VAL B 54 -8.04 -6.47 -1.70
N LYS B 55 -7.51 -7.67 -1.47
CA LYS B 55 -6.23 -8.08 -2.06
C LYS B 55 -6.28 -9.56 -2.34
N GLY B 56 -5.97 -9.94 -3.57
CA GLY B 56 -6.07 -11.30 -4.02
C GLY B 56 -4.69 -11.92 -4.07
N PRO B 57 -4.64 -13.24 -4.31
CA PRO B 57 -3.34 -13.88 -4.42
C PRO B 57 -2.62 -13.55 -5.72
N PHE B 58 -1.30 -13.65 -5.65
CA PHE B 58 -0.39 -13.30 -6.73
C PHE B 58 -0.47 -14.31 -7.87
N MET B 59 -0.70 -15.57 -7.53
CA MET B 59 -0.86 -16.63 -8.52
C MET B 59 -2.00 -17.56 -8.15
N MET B 60 -2.57 -18.21 -9.16
CA MET B 60 -3.59 -19.22 -8.98
C MET B 60 -3.42 -20.34 -10.00
N ASP B 61 -3.91 -21.52 -9.60
CA ASP B 61 -3.80 -22.75 -10.40
C ASP B 61 -4.34 -22.51 -11.81
N ARG B 62 -3.58 -22.96 -12.81
CA ARG B 62 -4.01 -23.01 -14.23
C ARG B 62 -5.44 -23.54 -14.41
N VAL B 63 -5.80 -24.55 -13.62
CA VAL B 63 -7.15 -25.14 -13.66
C VAL B 63 -8.22 -24.05 -13.55
N LEU B 64 -8.03 -23.12 -12.62
CA LEU B 64 -8.97 -22.00 -12.45
C LEU B 64 -8.98 -21.08 -13.68
N TRP B 65 -7.81 -20.78 -14.21
CA TRP B 65 -7.69 -19.96 -15.43
C TRP B 65 -8.27 -20.65 -16.69
N GLU B 66 -8.26 -21.98 -16.71
CA GLU B 66 -8.96 -22.74 -17.76
C GLU B 66 -10.48 -22.60 -17.65
N LYS B 67 -11.02 -22.58 -16.44
CA LYS B 67 -12.46 -22.38 -16.22
C LYS B 67 -12.97 -21.01 -16.66
N THR B 68 -12.14 -19.98 -16.49
CA THR B 68 -12.55 -18.61 -16.86
C THR B 68 -12.53 -18.39 -18.37
N GLY B 69 -11.74 -19.19 -19.10
CA GLY B 69 -11.50 -18.99 -20.52
C GLY B 69 -10.18 -18.25 -20.77
N HIS B 70 -9.47 -17.92 -19.69
CA HIS B 70 -8.23 -17.16 -19.78
C HIS B 70 -7.09 -17.91 -20.42
N TRP B 71 -7.02 -19.22 -20.16
CA TRP B 71 -5.97 -20.06 -20.74
C TRP B 71 -6.07 -20.14 -22.26
N ASP B 72 -7.27 -20.43 -22.76
CA ASP B 72 -7.51 -20.47 -24.21
C ASP B 72 -7.24 -19.11 -24.85
N ASN B 73 -7.65 -18.03 -24.19
CA ASN B 73 -7.55 -16.68 -24.76
C ASN B 73 -6.22 -15.91 -24.54
N TYR B 74 -5.27 -16.46 -23.76
CA TYR B 74 -4.07 -15.68 -23.39
C TYR B 74 -2.81 -16.41 -22.93
N LYS B 75 -2.69 -17.73 -23.10
CA LYS B 75 -1.61 -18.49 -22.44
C LYS B 75 -0.21 -18.00 -22.77
N ASP B 76 0.00 -17.57 -24.02
CA ASP B 76 1.32 -17.13 -24.47
C ASP B 76 1.77 -15.79 -23.86
N ALA B 77 0.83 -15.00 -23.36
CA ALA B 77 1.13 -13.76 -22.63
C ALA B 77 1.06 -13.90 -21.09
N MET B 78 0.87 -15.11 -20.57
CA MET B 78 0.91 -15.35 -19.11
C MET B 78 2.27 -15.90 -18.67
N PHE B 79 2.75 -15.46 -17.51
CA PHE B 79 3.88 -16.09 -16.86
C PHE B 79 3.35 -17.28 -16.08
N THR B 80 4.02 -18.43 -16.18
CA THR B 80 3.64 -19.59 -15.39
C THR B 80 4.79 -20.08 -14.54
N THR B 81 4.43 -20.76 -13.46
CA THR B 81 5.39 -21.37 -12.56
C THR B 81 4.76 -22.69 -12.05
N SER B 82 5.53 -23.53 -11.38
CA SER B 82 4.99 -24.80 -10.90
C SER B 82 5.37 -25.10 -9.47
N SER B 83 4.57 -25.95 -8.84
CA SER B 83 4.88 -26.46 -7.51
C SER B 83 4.12 -27.76 -7.28
N GLU B 84 4.85 -28.81 -6.85
CA GLU B 84 4.25 -30.08 -6.46
C GLU B 84 3.33 -30.63 -7.56
N ASN B 85 3.83 -30.55 -8.80
CA ASN B 85 3.20 -31.08 -10.00
C ASN B 85 1.94 -30.36 -10.41
N ARG B 86 1.79 -29.10 -9.98
CA ARG B 86 0.68 -28.25 -10.37
C ARG B 86 1.25 -27.00 -11.04
N GLU B 87 0.55 -26.47 -12.04
CA GLU B 87 0.96 -25.27 -12.74
C GLU B 87 0.17 -24.08 -12.22
N TYR B 88 0.84 -22.94 -12.05
CA TYR B 88 0.20 -21.71 -11.57
C TYR B 88 0.43 -20.62 -12.59
N CYS B 89 -0.57 -19.77 -12.75
CA CYS B 89 -0.43 -18.57 -13.58
C CYS B 89 -0.25 -17.42 -12.62
N ILE B 90 0.81 -16.64 -12.87
CA ILE B 90 0.98 -15.37 -12.19
C ILE B 90 -0.11 -14.47 -12.75
N LYS B 91 -0.93 -13.86 -11.90
CA LYS B 91 -2.18 -13.28 -12.38
C LYS B 91 -1.95 -12.14 -13.38
N PRO B 92 -2.61 -12.22 -14.55
CA PRO B 92 -2.66 -11.08 -15.46
C PRO B 92 -3.84 -10.16 -15.19
N MET B 93 -4.82 -10.63 -14.41
CA MET B 93 -6.03 -9.86 -14.09
C MET B 93 -6.55 -10.23 -12.71
N ASN B 94 -7.39 -9.35 -12.14
CA ASN B 94 -7.87 -9.51 -10.76
C ASN B 94 -9.27 -10.05 -10.62
N CYS B 95 -10.00 -10.16 -11.73
CA CYS B 95 -11.42 -10.55 -11.69
C CYS B 95 -11.67 -11.92 -11.06
N PRO B 96 -10.92 -12.96 -11.48
CA PRO B 96 -11.19 -14.26 -10.87
C PRO B 96 -11.03 -14.30 -9.36
N GLY B 97 -9.99 -13.66 -8.83
CA GLY B 97 -9.80 -13.51 -7.40
C GLY B 97 -10.94 -12.81 -6.70
N HIS B 98 -11.47 -11.76 -7.32
CA HIS B 98 -12.60 -11.02 -6.75
C HIS B 98 -13.84 -11.89 -6.69
N VAL B 99 -14.07 -12.70 -7.72
CA VAL B 99 -15.20 -13.63 -7.69
C VAL B 99 -15.01 -14.65 -6.57
N GLN B 100 -13.78 -15.13 -6.35
CA GLN B 100 -13.52 -16.06 -5.24
C GLN B 100 -13.89 -15.46 -3.88
N ILE B 101 -13.53 -14.19 -3.68
CA ILE B 101 -13.94 -13.47 -2.48
C ILE B 101 -15.47 -13.33 -2.41
N PHE B 102 -16.11 -12.96 -3.52
CA PHE B 102 -17.58 -12.88 -3.60
C PHE B 102 -18.26 -14.19 -3.18
N ASN B 103 -17.65 -15.32 -3.58
CA ASN B 103 -18.21 -16.65 -3.36
C ASN B 103 -18.14 -17.12 -1.90
N GLN B 104 -17.35 -16.45 -1.06
CA GLN B 104 -17.32 -16.73 0.37
C GLN B 104 -18.48 -16.11 1.10
N GLY B 105 -19.34 -16.95 1.65
CA GLY B 105 -20.51 -16.50 2.41
C GLY B 105 -21.67 -16.24 1.48
N LEU B 106 -22.87 -16.48 1.99
CA LEU B 106 -24.10 -16.31 1.22
C LEU B 106 -24.35 -14.85 0.92
N LYS B 107 -24.59 -14.53 -0.33
CA LYS B 107 -24.94 -13.18 -0.73
C LYS B 107 -26.44 -13.10 -1.01
N SER B 108 -27.08 -12.01 -0.63
CA SER B 108 -28.43 -11.71 -1.10
C SER B 108 -28.46 -10.44 -1.94
N TYR B 109 -29.58 -10.21 -2.61
CA TYR B 109 -29.88 -8.94 -3.30
C TYR B 109 -29.59 -7.71 -2.43
N ARG B 110 -29.76 -7.84 -1.11
CA ARG B 110 -29.45 -6.75 -0.18
C ARG B 110 -27.97 -6.35 -0.12
N ASP B 111 -27.07 -7.24 -0.55
CA ASP B 111 -25.63 -6.95 -0.65
C ASP B 111 -25.22 -6.26 -1.95
N LEU B 112 -26.15 -6.12 -2.90
CA LEU B 112 -25.84 -5.65 -4.23
C LEU B 112 -26.40 -4.24 -4.40
N PRO B 113 -25.72 -3.34 -5.11
CA PRO B 113 -24.42 -3.60 -5.77
C PRO B 113 -23.26 -3.75 -4.78
N LEU B 114 -22.40 -4.74 -5.03
CA LEU B 114 -21.18 -4.95 -4.27
C LEU B 114 -20.00 -4.51 -5.15
N ARG B 115 -19.29 -3.46 -4.71
CA ARG B 115 -18.23 -2.83 -5.50
C ARG B 115 -16.89 -3.18 -4.83
N MET B 116 -16.06 -3.94 -5.53
CA MET B 116 -14.86 -4.55 -4.93
C MET B 116 -13.64 -4.08 -5.69
N ALA B 117 -12.84 -3.22 -5.06
CA ALA B 117 -11.64 -2.66 -5.68
C ALA B 117 -10.34 -3.31 -5.18
N GLU B 118 -9.30 -3.22 -6.01
CA GLU B 118 -7.96 -3.68 -5.65
C GLU B 118 -6.90 -2.89 -6.45
N PHE B 119 -5.79 -2.57 -5.80
CA PHE B 119 -4.56 -2.20 -6.48
C PHE B 119 -3.88 -3.52 -6.82
N GLY B 120 -4.22 -4.05 -7.99
CA GLY B 120 -3.89 -5.40 -8.36
C GLY B 120 -2.52 -5.44 -9.01
N SER B 121 -1.61 -6.21 -8.43
CA SER B 121 -0.33 -6.50 -9.05
C SER B 121 -0.51 -7.53 -10.16
N CYS B 122 -0.32 -7.10 -11.41
CA CYS B 122 -0.51 -7.94 -12.59
C CYS B 122 0.76 -8.03 -13.42
N HIS B 123 0.87 -9.14 -14.16
CA HIS B 123 2.02 -9.42 -15.02
C HIS B 123 1.58 -9.96 -16.37
N ARG B 124 2.18 -9.43 -17.43
CA ARG B 124 1.93 -9.87 -18.80
C ARG B 124 3.29 -10.11 -19.41
N ASN B 125 3.47 -11.27 -20.03
CA ASN B 125 4.73 -11.64 -20.67
C ASN B 125 4.79 -11.00 -22.07
N GLU B 126 4.98 -9.68 -22.06
CA GLU B 126 5.05 -8.88 -23.28
C GLU B 126 6.37 -9.14 -24.03
N PRO B 127 6.35 -9.15 -25.37
CA PRO B 127 7.62 -9.22 -26.09
C PRO B 127 8.55 -8.10 -25.60
N SER B 128 9.78 -8.44 -25.27
CA SER B 128 10.71 -7.50 -24.67
C SER B 128 10.99 -6.28 -25.57
N GLY B 129 10.97 -6.50 -26.89
CA GLY B 129 11.17 -5.44 -27.88
C GLY B 129 10.07 -4.39 -27.95
N ALA B 130 8.87 -4.71 -27.44
CA ALA B 130 7.76 -3.76 -27.39
C ALA B 130 7.71 -2.91 -26.11
N LEU B 131 8.55 -3.24 -25.13
CA LEU B 131 8.63 -2.52 -23.86
C LEU B 131 9.22 -1.14 -24.06
N HIS B 132 8.72 -0.14 -23.34
CA HIS B 132 9.34 1.19 -23.37
C HIS B 132 8.93 2.01 -22.17
N GLY B 133 9.94 2.46 -21.43
CA GLY B 133 9.77 3.30 -20.25
C GLY B 133 8.82 2.73 -19.22
N LEU B 134 7.99 3.62 -18.67
CA LEU B 134 6.88 3.27 -17.82
C LEU B 134 5.57 3.06 -18.61
N MET B 135 5.58 3.30 -19.93
CA MET B 135 4.35 3.25 -20.73
C MET B 135 3.94 1.85 -21.18
N ARG B 136 4.91 0.99 -21.44
CA ARG B 136 4.63 -0.39 -21.76
C ARG B 136 5.60 -1.26 -20.98
N VAL B 137 5.04 -1.93 -19.97
CA VAL B 137 5.79 -2.67 -18.98
C VAL B 137 5.26 -4.10 -18.89
N ARG B 138 5.97 -4.95 -18.15
CA ARG B 138 5.55 -6.34 -17.89
C ARG B 138 4.88 -6.49 -16.55
N GLY B 139 5.36 -5.77 -15.54
CA GLY B 139 4.80 -5.80 -14.19
C GLY B 139 4.15 -4.47 -13.88
N PHE B 140 2.88 -4.49 -13.49
CA PHE B 140 2.14 -3.25 -13.24
C PHE B 140 1.10 -3.39 -12.16
N THR B 141 0.53 -2.25 -11.76
CA THR B 141 -0.43 -2.17 -10.68
C THR B 141 -1.69 -1.54 -11.25
N GLN B 142 -2.75 -2.32 -11.36
CA GLN B 142 -3.97 -1.85 -11.99
C GLN B 142 -4.92 -1.27 -10.92
N ASP B 143 -5.45 -0.07 -11.14
CA ASP B 143 -6.48 0.49 -10.23
C ASP B 143 -7.83 -0.13 -10.58
N ASP B 144 -7.98 -1.39 -10.22
CA ASP B 144 -9.04 -2.26 -10.72
C ASP B 144 -10.22 -2.31 -9.77
N ALA B 145 -11.39 -2.58 -10.33
CA ALA B 145 -12.54 -2.93 -9.51
C ALA B 145 -13.55 -3.75 -10.31
N HIS B 146 -14.31 -4.57 -9.57
CA HIS B 146 -15.44 -5.30 -10.11
C HIS B 146 -16.70 -5.01 -9.27
N ILE B 147 -17.78 -4.67 -9.98
CA ILE B 147 -19.09 -4.40 -9.38
C ILE B 147 -20.02 -5.59 -9.68
N PHE B 148 -20.47 -6.21 -8.63
CA PHE B 148 -21.45 -7.28 -8.72
C PHE B 148 -22.82 -6.62 -8.49
N CYS B 149 -23.71 -6.74 -9.46
CA CYS B 149 -25.03 -6.11 -9.37
C CYS B 149 -26.12 -6.94 -10.07
N THR B 150 -27.36 -6.52 -9.90
CA THR B 150 -28.51 -7.11 -10.63
C THR B 150 -28.62 -6.47 -12.00
N GLU B 151 -29.40 -7.10 -12.88
CA GLU B 151 -29.68 -6.53 -14.22
C GLU B 151 -30.31 -5.14 -14.11
N GLU B 152 -31.26 -4.97 -13.20
CA GLU B 152 -31.90 -3.65 -12.97
C GLU B 152 -30.92 -2.57 -12.50
N GLN B 153 -29.83 -2.97 -11.85
CA GLN B 153 -28.81 -2.02 -11.36
C GLN B 153 -27.75 -1.59 -12.38
N ILE B 154 -27.71 -2.24 -13.55
CA ILE B 154 -26.68 -1.95 -14.57
C ILE B 154 -26.61 -0.46 -14.93
N ARG B 155 -27.76 0.14 -15.23
CA ARG B 155 -27.75 1.51 -15.74
C ARG B 155 -27.13 2.47 -14.73
N ASP B 156 -27.53 2.36 -13.47
CA ASP B 156 -27.03 3.25 -12.45
C ASP B 156 -25.53 3.00 -12.19
N GLU B 157 -25.12 1.74 -12.20
CA GLU B 157 -23.73 1.37 -11.88
C GLU B 157 -22.76 1.73 -12.99
N VAL B 158 -23.15 1.51 -14.25
CA VAL B 158 -22.34 1.95 -15.38
C VAL B 158 -22.21 3.48 -15.41
N ASN B 159 -23.32 4.18 -15.15
CA ASN B 159 -23.34 5.65 -15.03
C ASN B 159 -22.32 6.15 -13.98
N ALA B 160 -22.32 5.51 -12.81
CA ALA B 160 -21.39 5.87 -11.73
C ALA B 160 -19.91 5.68 -12.12
N CYS B 161 -19.60 4.57 -12.79
CA CYS B 161 -18.25 4.36 -13.35
C CYS B 161 -17.86 5.46 -14.31
N ILE B 162 -18.76 5.85 -15.21
CA ILE B 162 -18.47 6.91 -16.16
C ILE B 162 -18.21 8.22 -15.45
N ARG B 163 -19.06 8.56 -14.47
CA ARG B 163 -18.88 9.75 -13.63
C ARG B 163 -17.49 9.68 -12.98
N MET B 164 -17.13 8.54 -12.44
CA MET B 164 -15.84 8.37 -11.74
C MET B 164 -14.62 8.62 -12.65
N VAL B 165 -14.71 8.16 -13.90
CA VAL B 165 -13.65 8.37 -14.89
C VAL B 165 -13.38 9.86 -15.13
N TYR B 166 -14.43 10.63 -15.46
CA TYR B 166 -14.26 12.04 -15.77
C TYR B 166 -13.83 12.81 -14.52
N ASP B 167 -14.40 12.42 -13.39
CA ASP B 167 -14.02 13.01 -12.09
C ASP B 167 -12.50 12.86 -11.86
N MET B 168 -11.99 11.65 -11.99
CA MET B 168 -10.58 11.40 -11.74
C MET B 168 -9.66 12.06 -12.75
N TYR B 169 -9.98 11.99 -14.05
CA TYR B 169 -9.17 12.69 -15.06
C TYR B 169 -9.13 14.22 -14.86
N SER B 170 -10.24 14.82 -14.45
CA SER B 170 -10.29 16.27 -14.28
C SER B 170 -9.36 16.73 -13.12
N THR B 171 -9.14 15.88 -12.12
CA THR B 171 -8.17 16.16 -11.04
C THR B 171 -6.80 16.53 -11.56
N PHE B 172 -6.37 15.85 -12.62
CA PHE B 172 -5.07 16.07 -13.21
C PHE B 172 -5.05 17.09 -14.36
N GLY B 173 -6.20 17.69 -14.68
CA GLY B 173 -6.28 18.69 -15.74
C GLY B 173 -6.53 18.10 -17.14
N PHE B 174 -6.90 16.81 -17.22
CA PHE B 174 -7.19 16.18 -18.51
C PHE B 174 -8.67 16.32 -18.84
N GLU B 175 -8.94 17.23 -19.76
CA GLU B 175 -10.30 17.55 -20.20
C GLU B 175 -10.63 17.08 -21.63
N LYS B 176 -9.60 16.82 -22.44
CA LYS B 176 -9.82 16.24 -23.76
C LYS B 176 -9.80 14.71 -23.69
N ILE B 177 -11.00 14.13 -23.77
CA ILE B 177 -11.21 12.68 -23.66
C ILE B 177 -11.94 12.16 -24.90
N VAL B 178 -11.42 11.10 -25.53
CA VAL B 178 -12.09 10.45 -26.67
C VAL B 178 -12.52 9.06 -26.25
N VAL B 179 -13.71 8.65 -26.68
CA VAL B 179 -14.32 7.41 -26.21
C VAL B 179 -14.66 6.48 -27.38
N LYS B 180 -14.37 5.19 -27.22
CA LYS B 180 -14.75 4.15 -28.17
C LYS B 180 -15.55 3.08 -27.44
N LEU B 181 -16.47 2.41 -28.15
CA LEU B 181 -17.20 1.24 -27.65
C LEU B 181 -16.74 0.01 -28.43
N SER B 182 -16.00 -0.86 -27.76
CA SER B 182 -15.41 -2.06 -28.36
C SER B 182 -16.37 -3.25 -28.25
N THR B 183 -16.76 -3.80 -29.41
CA THR B 183 -17.85 -4.78 -29.50
C THR B 183 -17.30 -6.19 -29.72
N ARG B 184 -18.22 -7.17 -29.77
CA ARG B 184 -17.87 -8.61 -29.78
C ARG B 184 -16.66 -8.96 -30.65
N PRO B 185 -15.62 -9.59 -30.06
CA PRO B 185 -14.47 -10.06 -30.83
C PRO B 185 -14.79 -11.40 -31.48
N ASP B 186 -13.94 -11.82 -32.41
CA ASP B 186 -14.14 -13.08 -33.13
C ASP B 186 -14.15 -14.29 -32.17
N LYS B 187 -13.18 -14.33 -31.25
CA LYS B 187 -13.14 -15.35 -30.18
C LYS B 187 -13.78 -14.80 -28.91
N ARG B 188 -14.88 -15.39 -28.49
CA ARG B 188 -15.59 -14.91 -27.31
C ARG B 188 -16.43 -15.99 -26.64
N ILE B 189 -17.03 -15.63 -25.51
CA ILE B 189 -17.99 -16.49 -24.82
C ILE B 189 -19.28 -15.73 -24.59
N GLY B 190 -20.37 -16.46 -24.37
CA GLY B 190 -21.69 -15.88 -24.23
C GLY B 190 -22.43 -15.84 -25.55
N SER B 191 -23.77 -15.85 -25.48
CA SER B 191 -24.61 -15.87 -26.68
C SER B 191 -24.67 -14.51 -27.37
N ASP B 192 -25.00 -14.52 -28.66
CA ASP B 192 -25.19 -13.30 -29.42
C ASP B 192 -26.31 -12.42 -28.83
N GLU B 193 -27.32 -13.01 -28.19
CA GLU B 193 -28.35 -12.22 -27.49
C GLU B 193 -27.80 -11.50 -26.24
N MET B 194 -26.91 -12.16 -25.49
CA MET B 194 -26.23 -11.54 -24.34
C MET B 194 -25.30 -10.39 -24.77
N TRP B 195 -24.55 -10.62 -25.83
CA TRP B 195 -23.76 -9.56 -26.46
C TRP B 195 -24.59 -8.40 -27.03
N ASP B 196 -25.79 -8.69 -27.55
CA ASP B 196 -26.72 -7.65 -27.98
C ASP B 196 -27.13 -6.78 -26.80
N ARG B 197 -27.42 -7.43 -25.68
CA ARG B 197 -27.90 -6.73 -24.48
C ARG B 197 -26.78 -5.87 -23.85
N ALA B 198 -25.60 -6.45 -23.75
CA ALA B 198 -24.44 -5.78 -23.12
C ALA B 198 -23.96 -4.59 -23.92
N GLU B 199 -23.79 -4.79 -25.23
CA GLU B 199 -23.40 -3.71 -26.14
C GLU B 199 -24.40 -2.56 -26.13
N ALA B 200 -25.69 -2.89 -26.13
CA ALA B 200 -26.75 -1.87 -26.05
C ALA B 200 -26.72 -1.10 -24.72
N ASP B 201 -26.50 -1.80 -23.62
CA ASP B 201 -26.42 -1.16 -22.31
C ASP B 201 -25.31 -0.12 -22.25
N LEU B 202 -24.14 -0.47 -22.79
CA LEU B 202 -23.02 0.45 -22.82
C LEU B 202 -23.27 1.63 -23.76
N ALA B 203 -23.89 1.36 -24.91
CA ALA B 203 -24.24 2.42 -25.88
C ALA B 203 -25.23 3.45 -25.31
N VAL B 204 -26.25 2.98 -24.60
CA VAL B 204 -27.24 3.84 -23.93
C VAL B 204 -26.57 4.74 -22.86
N ALA B 205 -25.69 4.16 -22.06
CA ALA B 205 -24.95 4.95 -21.06
C ALA B 205 -24.19 6.13 -21.66
N LEU B 206 -23.55 5.92 -22.81
CA LEU B 206 -22.82 6.99 -23.47
C LEU B 206 -23.78 8.05 -24.05
N GLU B 207 -24.86 7.58 -24.67
CA GLU B 207 -25.88 8.47 -25.23
C GLU B 207 -26.50 9.34 -24.16
N GLU B 208 -26.86 8.73 -23.03
CA GLU B 208 -27.44 9.46 -21.91
C GLU B 208 -26.51 10.48 -21.25
N ASN B 209 -25.21 10.25 -21.33
CA ASN B 209 -24.24 11.20 -20.84
C ASN B 209 -23.77 12.18 -21.92
N ASN B 210 -24.40 12.18 -23.10
CA ASN B 210 -23.93 12.96 -24.27
C ASN B 210 -22.46 12.79 -24.55
N ILE B 211 -22.00 11.54 -24.47
CA ILE B 211 -20.62 11.25 -24.78
C ILE B 211 -20.60 10.80 -26.23
N PRO B 212 -19.98 11.58 -27.12
CA PRO B 212 -19.85 11.05 -28.49
C PRO B 212 -18.83 9.93 -28.48
N PHE B 213 -19.02 8.95 -29.35
CA PHE B 213 -18.11 7.81 -29.42
C PHE B 213 -18.17 7.16 -30.78
N GLU B 214 -17.13 6.40 -31.11
CA GLU B 214 -17.07 5.56 -32.30
C GLU B 214 -17.11 4.10 -31.84
N TYR B 215 -17.75 3.24 -32.63
CA TYR B 215 -17.65 1.81 -32.42
C TYR B 215 -16.24 1.35 -32.84
N GLN B 216 -15.67 0.42 -32.09
CA GLN B 216 -14.38 -0.18 -32.40
C GLN B 216 -14.66 -1.67 -32.59
N LEU B 217 -14.94 -2.05 -33.83
CA LEU B 217 -15.44 -3.39 -34.11
C LEU B 217 -14.39 -4.48 -33.84
N GLY B 218 -14.84 -5.54 -33.16
CA GLY B 218 -14.02 -6.70 -32.89
C GLY B 218 -13.03 -6.59 -31.75
N GLU B 219 -13.05 -5.49 -31.00
CA GLU B 219 -11.99 -5.22 -30.01
C GLU B 219 -12.45 -5.40 -28.57
N GLY B 220 -13.65 -5.96 -28.37
CA GLY B 220 -14.14 -6.27 -27.04
C GLY B 220 -13.28 -7.34 -26.38
N ALA B 221 -13.46 -7.49 -25.07
CA ALA B 221 -12.81 -8.56 -24.32
C ALA B 221 -13.56 -9.86 -24.63
N PHE B 222 -12.92 -11.00 -24.44
CA PHE B 222 -13.60 -12.29 -24.75
C PHE B 222 -14.89 -12.50 -23.94
N TYR B 223 -14.96 -11.86 -22.77
CA TYR B 223 -16.10 -11.99 -21.85
C TYR B 223 -17.12 -10.86 -21.95
N GLY B 224 -16.81 -9.78 -22.66
CA GLY B 224 -17.79 -8.71 -22.82
C GLY B 224 -17.30 -7.46 -23.50
N PRO B 225 -18.24 -6.58 -23.86
CA PRO B 225 -17.89 -5.34 -24.53
C PRO B 225 -17.31 -4.32 -23.54
N LYS B 226 -16.60 -3.33 -24.08
CA LYS B 226 -15.99 -2.29 -23.25
C LYS B 226 -16.02 -0.89 -23.84
N ILE B 227 -16.22 0.08 -22.94
CA ILE B 227 -16.04 1.49 -23.25
C ILE B 227 -14.58 1.78 -22.95
N GLU B 228 -13.86 2.38 -23.91
CA GLU B 228 -12.45 2.70 -23.72
C GLU B 228 -12.30 4.20 -23.72
N PHE B 229 -11.58 4.71 -22.72
CA PHE B 229 -11.37 6.14 -22.55
C PHE B 229 -9.92 6.51 -22.87
N THR B 230 -9.73 7.40 -23.84
CA THR B 230 -8.42 7.94 -24.20
C THR B 230 -8.33 9.39 -23.79
N LEU B 231 -7.27 9.72 -23.03
CA LEU B 231 -7.05 11.12 -22.64
C LEU B 231 -5.94 11.71 -23.49
N TYR B 232 -5.97 13.04 -23.62
CA TYR B 232 -4.97 13.75 -24.40
C TYR B 232 -4.14 14.62 -23.47
N ASP B 233 -2.82 14.57 -23.62
CA ASP B 233 -1.92 15.37 -22.78
C ASP B 233 -1.66 16.74 -23.40
N CYS B 234 -0.82 17.56 -22.77
CA CYS B 234 -0.57 18.91 -23.27
C CYS B 234 0.17 18.96 -24.62
N LEU B 235 0.77 17.86 -25.05
CA LEU B 235 1.32 17.76 -26.42
C LEU B 235 0.31 17.22 -27.44
N ASP B 236 -0.92 16.99 -27.01
CA ASP B 236 -2.00 16.42 -27.85
C ASP B 236 -1.70 14.97 -28.25
N ARG B 237 -1.00 14.23 -27.39
CA ARG B 237 -0.79 12.81 -27.59
C ARG B 237 -1.92 12.04 -26.93
N ALA B 238 -2.32 10.95 -27.57
CA ALA B 238 -3.43 10.13 -27.11
C ALA B 238 -2.90 9.01 -26.19
N TRP B 239 -3.47 8.89 -24.99
CA TRP B 239 -3.13 7.78 -24.07
C TRP B 239 -4.39 7.05 -23.68
N GLN B 240 -4.56 5.80 -24.12
CA GLN B 240 -5.73 5.02 -23.68
C GLN B 240 -5.47 4.56 -22.26
N CYS B 241 -6.36 4.91 -21.35
CA CYS B 241 -6.18 4.67 -19.92
C CYS B 241 -7.34 3.89 -19.34
N GLY B 242 -8.54 4.45 -19.42
CA GLY B 242 -9.70 3.90 -18.74
C GLY B 242 -10.49 2.88 -19.53
N THR B 243 -11.16 1.99 -18.81
CA THR B 243 -11.99 0.95 -19.42
C THR B 243 -13.19 0.65 -18.50
N VAL B 244 -14.38 0.51 -19.09
CA VAL B 244 -15.57 0.09 -18.35
C VAL B 244 -16.21 -1.03 -19.17
N GLN B 245 -16.30 -2.22 -18.57
CA GLN B 245 -16.63 -3.45 -19.28
C GLN B 245 -17.81 -4.10 -18.60
N LEU B 246 -18.70 -4.68 -19.40
CA LEU B 246 -19.91 -5.30 -18.89
C LEU B 246 -19.83 -6.78 -19.23
N ASP B 247 -20.04 -7.63 -18.23
CA ASP B 247 -19.72 -9.06 -18.28
C ASP B 247 -20.89 -9.90 -17.73
N PHE B 248 -21.59 -10.59 -18.64
CA PHE B 248 -22.68 -11.52 -18.30
C PHE B 248 -22.20 -12.98 -18.33
N SER B 249 -20.88 -13.24 -18.37
CA SER B 249 -20.33 -14.60 -18.60
C SER B 249 -19.40 -15.17 -17.52
N LEU B 250 -18.44 -14.39 -17.03
CA LEU B 250 -17.48 -14.93 -16.04
C LEU B 250 -18.10 -15.34 -14.69
N PRO B 251 -19.10 -14.57 -14.20
CA PRO B 251 -19.73 -14.98 -12.93
C PRO B 251 -20.39 -16.38 -12.97
N SER B 252 -21.04 -16.68 -14.09
CA SER B 252 -21.63 -18.00 -14.30
C SER B 252 -20.54 -19.09 -14.32
N ARG B 253 -19.50 -18.87 -15.12
CA ARG B 253 -18.36 -19.80 -15.17
C ARG B 253 -17.65 -20.07 -13.84
N LEU B 254 -17.69 -19.11 -12.93
CA LEU B 254 -17.09 -19.28 -11.61
C LEU B 254 -18.11 -19.48 -10.49
N SER B 255 -19.35 -19.82 -10.86
CA SER B 255 -20.39 -20.18 -9.90
C SER B 255 -20.74 -19.08 -8.89
N ALA B 256 -20.74 -17.83 -9.35
CA ALA B 256 -21.23 -16.72 -8.54
C ALA B 256 -22.77 -16.73 -8.51
N SER B 257 -23.33 -16.56 -7.32
CA SER B 257 -24.77 -16.37 -7.17
C SER B 257 -25.16 -15.61 -5.90
N TYR B 258 -26.39 -15.08 -5.92
CA TYR B 258 -27.01 -14.44 -4.78
C TYR B 258 -28.50 -14.84 -4.75
N VAL B 259 -29.11 -14.74 -3.57
CA VAL B 259 -30.54 -14.99 -3.41
C VAL B 259 -31.30 -13.69 -3.76
N GLY B 260 -32.12 -13.75 -4.81
CA GLY B 260 -32.92 -12.59 -5.24
C GLY B 260 -34.01 -12.15 -4.26
N GLU B 261 -34.64 -11.00 -4.54
CA GLU B 261 -35.74 -10.44 -3.72
C GLU B 261 -36.87 -11.45 -3.48
N ASP B 262 -37.10 -12.30 -4.49
CA ASP B 262 -37.89 -13.54 -4.33
C ASP B 262 -37.14 -14.52 -3.38
N ASN B 263 -37.02 -15.81 -3.72
CA ASN B 263 -36.14 -16.74 -2.98
C ASN B 263 -35.27 -17.61 -3.90
N GLU B 264 -35.19 -17.24 -5.18
CA GLU B 264 -34.49 -18.03 -6.20
C GLU B 264 -33.00 -17.66 -6.29
N ARG B 265 -32.19 -18.64 -6.66
CA ARG B 265 -30.76 -18.45 -6.88
C ARG B 265 -30.55 -17.72 -8.21
N LYS B 266 -29.78 -16.63 -8.20
CA LYS B 266 -29.54 -15.82 -9.40
C LYS B 266 -28.05 -15.47 -9.56
N VAL B 267 -27.64 -15.26 -10.81
CA VAL B 267 -26.23 -14.98 -11.16
C VAL B 267 -26.06 -13.47 -11.28
N PRO B 268 -25.03 -12.91 -10.62
CA PRO B 268 -24.87 -11.47 -10.71
C PRO B 268 -24.23 -11.07 -12.02
N VAL B 269 -24.56 -9.85 -12.45
CA VAL B 269 -23.86 -9.16 -13.52
C VAL B 269 -22.53 -8.69 -12.93
N MET B 270 -21.47 -8.66 -13.74
CA MET B 270 -20.20 -8.06 -13.31
C MET B 270 -19.80 -6.91 -14.24
N ILE B 271 -19.52 -5.75 -13.65
CA ILE B 271 -18.92 -4.62 -14.36
C ILE B 271 -17.46 -4.58 -13.96
N HIS B 272 -16.56 -4.51 -14.94
CA HIS B 272 -15.11 -4.36 -14.69
C HIS B 272 -14.76 -2.93 -15.00
N ARG B 273 -13.91 -2.30 -14.18
CA ARG B 273 -13.36 -1.01 -14.59
C ARG B 273 -12.00 -0.69 -13.98
N ALA B 274 -11.19 0.02 -14.77
CA ALA B 274 -9.93 0.60 -14.34
C ALA B 274 -9.91 1.99 -14.95
N ILE B 275 -9.43 2.98 -14.20
CA ILE B 275 -9.58 4.38 -14.62
C ILE B 275 -8.22 4.94 -15.04
N LEU B 276 -7.26 4.86 -14.14
CA LEU B 276 -5.89 5.24 -14.46
C LEU B 276 -5.25 4.21 -15.38
N GLY B 277 -5.72 2.97 -15.30
CA GLY B 277 -5.19 1.88 -16.13
C GLY B 277 -4.10 1.15 -15.38
N SER B 278 -2.90 1.70 -15.42
CA SER B 278 -1.75 1.18 -14.70
C SER B 278 -1.23 2.35 -13.86
N MET B 279 -0.94 2.12 -12.58
CA MET B 279 -0.38 3.18 -11.73
C MET B 279 0.96 3.65 -12.34
N GLU B 280 1.73 2.69 -12.86
CA GLU B 280 3.08 2.97 -13.35
C GLU B 280 3.00 3.84 -14.62
N ARG B 281 2.16 3.43 -15.54
CA ARG B 281 1.93 4.18 -16.78
C ARG B 281 1.36 5.57 -16.51
N PHE B 282 0.42 5.67 -15.57
CA PHE B 282 -0.22 6.93 -15.27
C PHE B 282 0.81 7.91 -14.67
N ILE B 283 1.66 7.41 -13.77
CA ILE B 283 2.77 8.22 -13.25
C ILE B 283 3.68 8.70 -14.39
N GLY B 284 3.94 7.82 -15.36
CA GLY B 284 4.70 8.17 -16.53
C GLY B 284 4.06 9.33 -17.28
N ILE B 285 2.76 9.22 -17.53
CA ILE B 285 1.99 10.23 -18.24
C ILE B 285 2.01 11.56 -17.47
N LEU B 286 1.78 11.50 -16.17
CA LEU B 286 1.82 12.70 -15.32
C LEU B 286 3.19 13.35 -15.31
N THR B 287 4.23 12.52 -15.22
CA THR B 287 5.60 13.03 -15.23
C THR B 287 5.83 13.88 -16.48
N GLU B 288 5.36 13.42 -17.64
CA GLU B 288 5.54 14.17 -18.89
C GLU B 288 4.61 15.38 -18.98
N GLU B 289 3.34 15.19 -18.65
CA GLU B 289 2.36 16.27 -18.63
C GLU B 289 2.87 17.47 -17.83
N PHE B 290 3.40 17.21 -16.63
CA PHE B 290 3.92 18.26 -15.76
C PHE B 290 5.40 18.60 -15.97
N ALA B 291 6.11 17.83 -16.80
CA ALA B 291 7.56 17.92 -16.96
C ALA B 291 8.29 17.88 -15.60
N GLY B 292 7.80 17.08 -14.66
CA GLY B 292 8.40 17.03 -13.32
C GLY B 292 7.95 18.07 -12.30
N PHE B 293 7.16 19.05 -12.74
CA PHE B 293 6.60 20.12 -11.88
C PHE B 293 5.27 19.64 -11.32
N PHE B 294 5.34 18.64 -10.43
CA PHE B 294 4.12 18.03 -9.95
C PHE B 294 3.31 19.04 -9.11
N PRO B 295 1.97 19.00 -9.22
CA PRO B 295 1.14 19.73 -8.27
C PRO B 295 1.58 19.43 -6.84
N THR B 296 1.43 20.39 -5.96
CA THR B 296 1.95 20.31 -4.61
C THR B 296 1.58 19.03 -3.88
N TRP B 297 0.34 18.58 -4.03
CA TRP B 297 -0.10 17.36 -3.35
C TRP B 297 0.68 16.09 -3.77
N LEU B 298 1.20 16.07 -4.99
CA LEU B 298 1.98 14.96 -5.53
C LEU B 298 3.49 15.12 -5.34
N ALA B 299 3.97 16.32 -5.01
CA ALA B 299 5.40 16.60 -5.03
C ALA B 299 6.13 15.83 -3.91
N PRO B 300 7.24 15.14 -4.23
CA PRO B 300 7.95 14.38 -3.18
C PRO B 300 8.36 15.22 -1.97
N VAL B 301 8.92 16.41 -2.21
CA VAL B 301 9.17 17.41 -1.15
C VAL B 301 8.33 18.64 -1.52
N GLN B 302 7.45 19.05 -0.60
CA GLN B 302 6.49 20.14 -0.88
C GLN B 302 7.04 21.54 -0.56
N VAL B 303 7.82 21.63 0.52
CA VAL B 303 8.39 22.89 1.00
C VAL B 303 9.83 22.67 1.45
N VAL B 304 10.72 23.61 1.09
CA VAL B 304 12.05 23.69 1.71
C VAL B 304 12.14 25.02 2.44
N VAL B 305 12.57 24.98 3.70
CA VAL B 305 12.71 26.17 4.55
C VAL B 305 14.20 26.42 4.70
N MET B 306 14.65 27.63 4.43
CA MET B 306 16.06 27.95 4.50
C MET B 306 16.37 29.28 5.22
N ASN B 307 17.55 29.31 5.81
CA ASN B 307 18.09 30.51 6.48
C ASN B 307 18.98 31.32 5.53
N ILE B 308 19.27 32.55 5.93
CA ILE B 308 20.33 33.37 5.31
C ILE B 308 21.68 33.03 5.98
N THR B 309 21.71 33.16 7.31
CA THR B 309 22.89 32.83 8.12
C THR B 309 22.51 31.93 9.29
N ASP B 310 23.55 31.44 9.98
CA ASP B 310 23.41 30.72 11.26
C ASP B 310 22.48 31.43 12.27
N SER B 311 22.38 32.76 12.19
CA SER B 311 21.44 33.54 12.99
C SER B 311 20.01 32.97 13.04
N GLN B 312 19.46 32.59 11.89
CA GLN B 312 18.07 32.13 11.81
C GLN B 312 17.87 30.60 11.89
N SER B 313 18.93 29.83 12.18
CA SER B 313 18.88 28.35 12.19
C SER B 313 17.78 27.76 13.09
N GLU B 314 17.64 28.31 14.29
CA GLU B 314 16.69 27.80 15.28
C GLU B 314 15.25 28.09 14.87
N TYR B 315 14.98 29.31 14.41
CA TYR B 315 13.68 29.69 13.82
C TYR B 315 13.29 28.77 12.64
N VAL B 316 14.24 28.52 11.75
CA VAL B 316 14.03 27.62 10.60
C VAL B 316 13.71 26.18 11.03
N ASN B 317 14.47 25.62 11.97
CA ASN B 317 14.18 24.26 12.48
C ASN B 317 12.77 24.19 13.12
N GLU B 318 12.37 25.24 13.83
CA GLU B 318 11.03 25.33 14.41
C GLU B 318 9.95 25.38 13.35
N LEU B 319 10.12 26.28 12.36
CA LEU B 319 9.14 26.42 11.26
C LEU B 319 9.00 25.08 10.53
N THR B 320 10.12 24.41 10.28
CA THR B 320 10.13 23.08 9.67
C THR B 320 9.30 22.06 10.49
N GLN B 321 9.53 22.00 11.79
CA GLN B 321 8.72 21.14 12.68
C GLN B 321 7.23 21.50 12.64
N LYS B 322 6.90 22.78 12.54
CA LYS B 322 5.52 23.24 12.48
C LYS B 322 4.80 22.85 11.16
N LEU B 323 5.52 22.96 10.04
CA LEU B 323 5.02 22.46 8.75
C LEU B 323 4.87 20.93 8.76
N GLN B 324 5.80 20.24 9.41
CA GLN B 324 5.71 18.80 9.52
C GLN B 324 4.46 18.40 10.32
N ASN B 325 4.16 19.12 11.40
CA ASN B 325 2.94 18.94 12.20
C ASN B 325 1.66 19.23 11.43
N ALA B 326 1.70 20.14 10.48
CA ALA B 326 0.53 20.45 9.65
C ALA B 326 0.31 19.44 8.48
N GLY B 327 1.15 18.41 8.42
CA GLY B 327 1.06 17.33 7.43
C GLY B 327 1.88 17.52 6.17
N ILE B 328 2.78 18.50 6.14
CA ILE B 328 3.50 18.90 4.91
C ILE B 328 4.85 18.18 4.78
N ARG B 329 5.17 17.69 3.59
CA ARG B 329 6.48 17.10 3.32
C ARG B 329 7.49 18.23 3.18
N VAL B 330 8.32 18.39 4.19
CA VAL B 330 9.17 19.58 4.35
C VAL B 330 10.56 19.18 4.82
N LYS B 331 11.57 19.90 4.35
CA LYS B 331 12.92 19.81 4.91
C LYS B 331 13.52 21.19 5.13
N ALA B 332 14.51 21.25 6.02
CA ALA B 332 15.24 22.50 6.30
C ALA B 332 16.55 22.46 5.52
N ASP B 333 16.98 23.63 5.02
CA ASP B 333 18.29 23.76 4.37
C ASP B 333 19.08 24.84 5.10
N LEU B 334 19.97 24.41 5.99
CA LEU B 334 20.75 25.32 6.85
C LEU B 334 22.19 25.46 6.37
N ARG B 335 22.50 24.91 5.19
CA ARG B 335 23.87 24.86 4.69
C ARG B 335 24.46 26.26 4.55
N ASN B 336 25.78 26.32 4.57
CA ASN B 336 26.50 27.58 4.48
C ASN B 336 26.75 27.86 3.00
N GLU B 337 25.68 28.28 2.33
CA GLU B 337 25.71 28.54 0.89
C GLU B 337 24.89 29.79 0.65
N LYS B 338 25.19 30.46 -0.45
CA LYS B 338 24.47 31.65 -0.84
C LYS B 338 23.01 31.29 -1.09
N ILE B 339 22.11 32.20 -0.76
CA ILE B 339 20.68 31.97 -0.92
C ILE B 339 20.29 31.62 -2.37
N GLY B 340 20.92 32.27 -3.36
CA GLY B 340 20.70 31.97 -4.77
C GLY B 340 21.13 30.57 -5.21
N PHE B 341 22.16 30.03 -4.55
CA PHE B 341 22.62 28.65 -4.78
C PHE B 341 21.59 27.66 -4.20
N LYS B 342 21.14 27.90 -2.96
CA LYS B 342 20.11 27.07 -2.32
C LYS B 342 18.79 27.05 -3.09
N ILE B 343 18.28 28.24 -3.38
CA ILE B 343 17.04 28.36 -4.13
C ILE B 343 17.14 27.62 -5.47
N ARG B 344 18.29 27.71 -6.15
CA ARG B 344 18.42 27.03 -7.41
C ARG B 344 18.34 25.53 -7.26
N GLU B 345 19.01 25.00 -6.25
CA GLU B 345 19.02 23.57 -6.01
C GLU B 345 17.59 23.01 -5.87
N HIS B 346 16.76 23.69 -5.09
CA HIS B 346 15.41 23.19 -4.82
C HIS B 346 14.46 23.47 -5.97
N THR B 347 14.79 24.49 -6.78
CA THR B 347 14.04 24.77 -8.01
C THR B 347 14.31 23.66 -9.03
N LEU B 348 15.57 23.28 -9.16
CA LEU B 348 15.97 22.15 -10.01
C LEU B 348 15.27 20.83 -9.60
N ARG B 349 15.14 20.60 -8.30
CA ARG B 349 14.43 19.43 -7.74
C ARG B 349 12.90 19.57 -7.77
N ARG B 350 12.40 20.71 -8.24
CA ARG B 350 10.97 20.93 -8.50
C ARG B 350 10.14 21.03 -7.22
N VAL B 351 10.76 21.55 -6.16
CA VAL B 351 10.09 21.79 -4.91
C VAL B 351 9.10 22.95 -5.10
N PRO B 352 7.81 22.76 -4.77
CA PRO B 352 6.83 23.82 -5.07
C PRO B 352 7.09 25.19 -4.42
N TYR B 353 7.44 25.18 -3.13
CA TYR B 353 7.59 26.41 -2.34
C TYR B 353 8.93 26.42 -1.64
N MET B 354 9.59 27.57 -1.76
CA MET B 354 10.79 27.86 -1.02
C MET B 354 10.51 28.98 -0.02
N LEU B 355 10.66 28.63 1.27
CA LEU B 355 10.41 29.52 2.40
C LEU B 355 11.75 30.00 2.95
N VAL B 356 11.95 31.31 2.95
CA VAL B 356 13.23 31.92 3.30
C VAL B 356 13.06 32.79 4.55
N CYS B 357 13.94 32.58 5.52
CA CYS B 357 13.89 33.30 6.81
C CYS B 357 15.17 34.12 7.01
N GLY B 358 15.05 35.43 6.85
CA GLY B 358 16.10 36.37 7.29
C GLY B 358 15.73 37.01 8.62
N ASP B 359 16.54 37.97 9.05
CA ASP B 359 16.31 38.64 10.34
C ASP B 359 14.97 39.33 10.40
N LYS B 360 14.54 40.00 9.34
CA LYS B 360 13.20 40.64 9.33
C LYS B 360 12.05 39.66 9.49
N GLU B 361 12.22 38.44 8.95
CA GLU B 361 11.20 37.38 9.05
C GLU B 361 11.17 36.80 10.47
N VAL B 362 12.35 36.52 11.02
CA VAL B 362 12.47 36.00 12.39
C VAL B 362 11.81 36.99 13.35
N GLU B 363 12.12 38.27 13.17
CA GLU B 363 11.59 39.35 14.00
C GLU B 363 10.07 39.45 13.95
N ALA B 364 9.48 39.34 12.76
CA ALA B 364 8.05 39.59 12.56
C ALA B 364 7.11 38.36 12.66
N GLY B 365 7.66 37.18 12.95
CA GLY B 365 6.88 35.93 12.91
C GLY B 365 6.39 35.60 11.50
N LYS B 366 7.27 35.83 10.52
CA LYS B 366 6.91 35.75 9.11
C LYS B 366 7.86 34.87 8.34
N VAL B 367 7.54 34.65 7.07
CA VAL B 367 8.39 33.88 6.19
C VAL B 367 8.26 34.39 4.75
N ALA B 368 9.38 34.44 4.03
CA ALA B 368 9.40 34.93 2.64
C ALA B 368 9.17 33.72 1.74
N VAL B 369 8.16 33.81 0.88
CA VAL B 369 7.74 32.68 0.04
C VAL B 369 8.01 32.96 -1.43
N ARG B 370 8.70 32.01 -2.05
CA ARG B 370 8.99 32.03 -3.47
C ARG B 370 8.49 30.71 -4.06
N THR B 371 7.89 30.76 -5.24
CA THR B 371 7.46 29.54 -5.93
C THR B 371 8.54 29.06 -6.89
N ARG B 372 8.50 27.77 -7.23
CA ARG B 372 9.48 27.20 -8.14
C ARG B 372 9.41 27.81 -9.56
N ARG B 373 8.31 28.45 -9.94
CA ARG B 373 8.25 29.15 -11.24
C ARG B 373 8.96 30.50 -11.23
N GLY B 374 9.27 31.01 -10.03
CA GLY B 374 10.06 32.23 -9.87
C GLY B 374 9.29 33.45 -9.36
N LYS B 375 8.06 33.26 -8.90
CA LYS B 375 7.26 34.38 -8.37
C LYS B 375 7.59 34.54 -6.90
N ASP B 376 7.88 35.79 -6.49
CA ASP B 376 8.12 36.13 -5.09
C ASP B 376 6.78 36.59 -4.49
N LEU B 377 6.28 35.85 -3.51
CA LEU B 377 4.96 36.17 -2.93
C LEU B 377 5.02 37.12 -1.72
N GLY B 378 6.21 37.58 -1.33
CA GLY B 378 6.36 38.49 -0.19
C GLY B 378 6.69 37.76 1.11
N SER B 379 6.96 38.54 2.15
CA SER B 379 7.00 38.05 3.53
C SER B 379 5.57 37.99 4.06
N LEU B 380 5.19 36.83 4.61
CA LEU B 380 3.82 36.56 5.03
C LEU B 380 3.80 35.88 6.39
N ASP B 381 2.74 36.12 7.15
CA ASP B 381 2.53 35.49 8.46
C ASP B 381 2.61 33.96 8.36
N VAL B 382 3.38 33.33 9.25
CA VAL B 382 3.66 31.92 9.19
C VAL B 382 2.38 31.08 9.16
N ASN B 383 1.43 31.39 10.03
CA ASN B 383 0.19 30.60 10.11
C ASN B 383 -0.75 30.77 8.91
N ASP B 384 -0.81 31.96 8.34
CA ASP B 384 -1.51 32.19 7.06
C ASP B 384 -0.90 31.38 5.89
N VAL B 385 0.43 31.26 5.84
CA VAL B 385 1.10 30.43 4.83
C VAL B 385 0.82 28.94 5.05
N ILE B 386 0.99 28.47 6.29
CA ILE B 386 0.73 27.06 6.62
C ILE B 386 -0.70 26.68 6.24
N GLU B 387 -1.67 27.55 6.56
CA GLU B 387 -3.07 27.31 6.21
C GLU B 387 -3.32 27.29 4.70
N LYS B 388 -2.72 28.24 3.98
CA LYS B 388 -2.87 28.26 2.52
C LYS B 388 -2.24 27.03 1.83
N LEU B 389 -1.10 26.57 2.34
CA LEU B 389 -0.48 25.36 1.83
C LEU B 389 -1.33 24.14 2.12
N GLN B 390 -1.82 24.05 3.36
CA GLN B 390 -2.70 22.95 3.76
C GLN B 390 -3.90 22.85 2.82
N GLN B 391 -4.54 23.97 2.50
CA GLN B 391 -5.68 23.97 1.59
C GLN B 391 -5.28 23.51 0.19
N GLU B 392 -4.17 24.04 -0.31
CA GLU B 392 -3.68 23.64 -1.65
C GLU B 392 -3.48 22.12 -1.73
N ILE B 393 -2.88 21.56 -0.69
CA ILE B 393 -2.59 20.13 -0.62
C ILE B 393 -3.85 19.31 -0.46
N ARG B 394 -4.68 19.67 0.52
CA ARG B 394 -5.84 18.84 0.82
C ARG B 394 -6.90 18.90 -0.29
N SER B 395 -6.99 20.03 -0.98
CA SER B 395 -7.91 20.15 -2.10
C SER B 395 -7.31 19.60 -3.42
N ARG B 396 -6.08 19.09 -3.38
CA ARG B 396 -5.38 18.61 -4.58
C ARG B 396 -5.45 19.63 -5.74
N SER B 397 -5.14 20.88 -5.42
CA SER B 397 -5.18 21.94 -6.41
C SER B 397 -4.04 21.79 -7.44
N LEU B 398 -4.39 21.96 -8.71
CA LEU B 398 -3.42 22.00 -9.82
C LEU B 398 -2.54 23.26 -9.85
N GLN B 399 -3.01 24.34 -9.27
CA GLN B 399 -2.28 25.61 -9.30
C GLN B 399 -1.72 25.95 -7.93
N GLN B 400 -0.56 26.60 -7.96
CA GLN B 400 0.11 27.10 -6.74
C GLN B 400 -0.49 28.46 -6.35
N LEU B 401 -0.04 28.99 -5.21
CA LEU B 401 -0.55 30.26 -4.68
C LEU B 401 -0.22 31.43 -5.61
N GLU B 402 -1.12 32.43 -5.63
CA GLU B 402 -0.96 33.63 -6.47
C GLU B 402 -1.15 34.86 -5.60
O1 FQR C . 15.76 -12.48 7.29
C2 FQR C . 15.45 -12.04 6.07
C3 FQR C . 16.26 -10.79 5.68
O4 FQR C . 14.60 -12.53 5.38
C5 FQR C . 15.42 -9.53 5.92
C6 FQR C . 15.24 -9.23 7.39
N7 FQR C . 16.68 -10.81 4.29
O8 FQR C . 16.04 -8.43 5.25
C9 FQR C . 14.86 -13.40 7.97
C10 FQR C . 15.23 -14.82 7.70
C11 FQR C . 16.11 -15.29 6.83
C12 FQR C . 16.43 -16.73 6.65
N13 FQR C . 15.86 -17.27 5.39
C14 FQR C . 16.53 -17.00 4.20
C15 FQR C . 15.87 -17.56 3.01
C16 FQR C . 14.69 -18.31 3.16
N17 FQR C . 14.12 -18.54 4.42
C18 FQR C . 14.71 -18.01 5.42
C19 FQR C . 16.38 -17.31 1.74
C20 FQR C . 15.70 -17.80 0.62
C21 FQR C . 14.56 -18.54 0.78
C22 FQR C . 14.04 -18.80 2.04
CL2 FQR C . 16.32 -17.42 -0.95
BR2 FQR C . 13.64 -19.25 -0.72
O25 FQR C . 17.59 -16.38 4.17
ZN ZN D . 17.55 -8.96 3.77
ZN ZN E . -11.78 -7.57 -14.64
#